data_5B57
#
_entry.id   5B57
#
_cell.length_a   110.824
_cell.length_b   118.283
_cell.length_c   142.747
_cell.angle_alpha   90.000
_cell.angle_beta   90.000
_cell.angle_gamma   90.000
#
_symmetry.space_group_name_H-M   'P 21 21 21'
#
loop_
_entity.id
_entity.type
_entity.pdbx_description
1 polymer 'Putative hemin ABC transport system, membrane protein'
2 polymer 'Hemin import ATP-binding protein HmuV'
3 non-polymer DECYL-BETA-D-MALTOPYRANOSIDE
4 non-polymer 'SULFATE ION'
5 water water
#
loop_
_entity_poly.entity_id
_entity_poly.type
_entity_poly.pdbx_seq_one_letter_code
_entity_poly.pdbx_strand_id
1 'polypeptide(L)'
;MGHHHHHHHHHHSSGHIDDDDKHMPAHASPFNAPSSASRAGAARLGTSRRFAPFVLAALAILMGAMSVVALCVGAYRIPL
AEAWAALSGDPAAQQARAVLLDIRAPRVVLALLVGGGFGATGAAMQALFRNPLADPGLVGVSSGAALGATTLIVLGPALF
AAHASAAALPVAAFAGGLAVAALVYRLAASRGRLALPLLLLAGIAINALVGAAIGLLTFVADDAQLRSLTFWSLGSLGGA
QWPTLAAVAPCVALGGVLLVRERDALNALQLGETEALHLGVPVQRLKRRVLVAVALAVGALVSCAGIIGFIGLVAPHCVR
LACGPDQRIVLPGAALLGALLTLAADLAARTVAAPADIPLGVLTALLGAPFFLALLWKNRGALGG
;
A,B
2 'polypeptide(L)'
;MLTAHHLDVARRHGTILRDLSLSIEPGRVTALLGRNGAGKSTLLKTFAGELTGSVAPHGVRVTGDVTLNGEPLARIDAPR
LACLRAVLPQAAQPAFPFSVDEIVLLGRYPHARRSGATSHRDRDIAWRALERAGADALVGRDVTTLSGGELARVQFARVL
AQLWPDHDTTEPGPRYLLLDEPTAALDLAHQHRLLDTVRAVAREWQLGVLAIVHDPNLAARHADAIAMLADGTIVAHGAP
RDVMTPAHIAQCYGFAVKMVETGDGTPPVMVPA
;
C,D
#
# COMPACT_ATOMS: atom_id res chain seq x y z
N THR A 47 22.65 -24.40 9.54
CA THR A 47 21.39 -23.70 9.73
C THR A 47 21.05 -23.63 11.22
N SER A 48 21.58 -22.61 11.91
CA SER A 48 21.38 -22.44 13.35
C SER A 48 19.95 -22.05 13.73
N ARG A 49 19.83 -21.27 14.79
CA ARG A 49 18.55 -20.74 15.24
C ARG A 49 18.80 -19.42 15.93
N ARG A 50 17.71 -18.82 16.42
CA ARG A 50 17.75 -17.64 17.27
C ARG A 50 17.29 -18.08 18.66
N PHE A 51 18.07 -17.74 19.70
CA PHE A 51 17.95 -18.38 21.00
C PHE A 51 16.79 -17.84 21.81
N ALA A 52 15.61 -17.77 21.17
CA ALA A 52 14.42 -17.16 21.76
C ALA A 52 14.02 -17.79 23.08
N PRO A 53 13.58 -19.09 23.13
CA PRO A 53 12.67 -19.57 24.20
C PRO A 53 12.83 -19.02 25.62
N PHE A 54 13.99 -18.43 25.92
CA PHE A 54 14.12 -17.72 27.19
C PHE A 54 13.29 -16.45 27.19
N VAL A 55 13.23 -15.74 26.06
CA VAL A 55 12.30 -14.59 25.93
C VAL A 55 10.88 -15.03 26.24
N LEU A 56 10.42 -16.11 25.59
CA LEU A 56 9.11 -16.66 25.94
C LEU A 56 9.01 -16.94 27.43
N ALA A 57 10.01 -17.62 28.00
CA ALA A 57 9.92 -18.00 29.40
C ALA A 57 9.83 -16.77 30.29
N ALA A 58 10.65 -15.76 29.99
CA ALA A 58 10.67 -14.57 30.83
C ALA A 58 9.30 -13.93 30.91
N LEU A 59 8.68 -13.68 29.75
CA LEU A 59 7.38 -13.01 29.71
C LEU A 59 6.33 -13.76 30.53
N ALA A 60 6.26 -15.08 30.36
CA ALA A 60 5.43 -15.93 31.21
C ALA A 60 5.68 -15.66 32.71
N ILE A 61 6.96 -15.62 33.12
CA ILE A 61 7.27 -15.29 34.52
C ILE A 61 6.81 -13.88 34.83
N LEU A 62 7.25 -12.89 34.03
CA LEU A 62 6.89 -11.50 34.30
C LEU A 62 5.38 -11.32 34.36
N MET A 63 4.67 -11.89 33.38
CA MET A 63 3.20 -11.85 33.42
C MET A 63 2.69 -12.49 34.71
N GLY A 64 3.08 -13.73 34.97
CA GLY A 64 2.64 -14.40 36.19
C GLY A 64 2.89 -13.56 37.42
N ALA A 65 4.11 -13.02 37.57
CA ALA A 65 4.45 -12.19 38.72
C ALA A 65 3.50 -11.01 38.83
N MET A 66 3.56 -10.11 37.86
CA MET A 66 2.64 -8.99 37.76
C MET A 66 1.20 -9.39 38.06
N SER A 67 0.75 -10.50 37.46
CA SER A 67 -0.60 -11.01 37.73
C SER A 67 -0.87 -11.14 39.22
N VAL A 68 0.01 -11.85 39.93
CA VAL A 68 -0.12 -12.02 41.38
C VAL A 68 -0.22 -10.67 42.08
N VAL A 69 0.66 -9.74 41.72
CA VAL A 69 0.60 -8.46 42.42
C VAL A 69 -0.69 -7.74 42.07
N ALA A 70 -1.25 -7.98 40.87
CA ALA A 70 -2.48 -7.27 40.48
C ALA A 70 -3.61 -7.49 41.47
N LEU A 71 -3.69 -8.69 42.08
CA LEU A 71 -4.78 -8.98 43.01
C LEU A 71 -4.69 -8.15 44.29
N CYS A 72 -3.48 -7.75 44.68
CA CYS A 72 -3.26 -7.05 45.93
C CYS A 72 -3.33 -5.53 45.84
N VAL A 73 -3.33 -4.95 44.63
CA VAL A 73 -3.28 -3.50 44.50
C VAL A 73 -4.53 -2.89 43.86
N GLY A 74 -5.68 -3.57 43.86
CA GLY A 74 -6.88 -2.89 43.38
C GLY A 74 -7.44 -1.87 44.35
N ALA A 75 -8.78 -1.70 44.40
CA ALA A 75 -9.35 -0.79 45.40
C ALA A 75 -9.19 -1.31 46.83
N TYR A 76 -9.07 -2.64 47.01
CA TYR A 76 -8.87 -3.32 48.31
C TYR A 76 -7.39 -3.67 48.45
N ARG A 77 -6.70 -3.03 49.40
CA ARG A 77 -5.24 -3.20 49.51
C ARG A 77 -4.90 -4.28 50.52
N ILE A 78 -4.09 -5.24 50.12
CA ILE A 78 -3.79 -6.35 51.00
C ILE A 78 -2.41 -6.90 50.65
N PRO A 79 -1.55 -7.20 51.62
CA PRO A 79 -0.21 -7.68 51.26
C PRO A 79 -0.26 -9.10 50.73
N LEU A 80 0.82 -9.49 50.07
CA LEU A 80 0.91 -10.85 49.53
C LEU A 80 0.60 -11.89 50.60
N ALA A 81 1.10 -11.70 51.82
CA ALA A 81 0.87 -12.66 52.89
C ALA A 81 -0.62 -12.82 53.20
N GLU A 82 -1.28 -11.72 53.56
CA GLU A 82 -2.69 -11.79 53.94
C GLU A 82 -3.56 -12.25 52.79
N ALA A 83 -3.19 -11.88 51.55
CA ALA A 83 -3.97 -12.26 50.37
C ALA A 83 -3.79 -13.73 50.04
N TRP A 84 -2.56 -14.23 50.13
CA TRP A 84 -2.38 -15.68 50.06
C TRP A 84 -3.27 -16.37 51.09
N ALA A 85 -3.07 -16.06 52.38
CA ALA A 85 -3.86 -16.65 53.45
C ALA A 85 -5.36 -16.66 53.14
N ALA A 86 -5.90 -15.53 52.65
CA ALA A 86 -7.34 -15.43 52.38
C ALA A 86 -7.78 -16.39 51.29
N LEU A 87 -7.06 -16.40 50.16
CA LEU A 87 -7.45 -17.27 49.04
C LEU A 87 -7.24 -18.74 49.34
N SER A 88 -6.42 -19.06 50.34
CA SER A 88 -6.12 -20.43 50.70
C SER A 88 -7.01 -20.99 51.79
N GLY A 89 -8.02 -20.24 52.24
CA GLY A 89 -9.02 -20.77 53.13
C GLY A 89 -8.94 -20.37 54.59
N ASP A 90 -8.07 -19.46 54.95
CA ASP A 90 -7.95 -18.97 56.32
C ASP A 90 -9.32 -18.52 56.83
N PRO A 91 -9.89 -19.20 57.83
CA PRO A 91 -11.21 -18.77 58.35
C PRO A 91 -11.24 -17.33 58.83
N ALA A 92 -10.10 -16.76 59.23
CA ALA A 92 -10.02 -15.38 59.69
C ALA A 92 -10.31 -14.34 58.60
N ALA A 93 -10.29 -14.72 57.32
CA ALA A 93 -10.33 -13.78 56.20
C ALA A 93 -11.41 -14.18 55.19
N GLN A 94 -12.61 -14.50 55.68
CA GLN A 94 -13.68 -14.90 54.76
C GLN A 94 -14.13 -13.75 53.88
N GLN A 95 -14.15 -12.52 54.42
CA GLN A 95 -14.51 -11.40 53.57
C GLN A 95 -13.39 -11.08 52.60
N ALA A 96 -12.14 -11.22 53.02
CA ALA A 96 -11.03 -10.93 52.12
C ALA A 96 -11.00 -11.92 50.94
N ARG A 97 -11.32 -13.18 51.20
CA ARG A 97 -11.43 -14.14 50.10
C ARG A 97 -12.52 -13.73 49.12
N ALA A 98 -13.62 -13.16 49.63
CA ALA A 98 -14.73 -12.75 48.78
C ALA A 98 -14.37 -11.55 47.90
N VAL A 99 -13.69 -10.53 48.46
CA VAL A 99 -13.25 -9.41 47.64
C VAL A 99 -12.24 -9.88 46.59
N LEU A 100 -11.33 -10.78 46.95
CA LEU A 100 -10.34 -11.24 45.98
C LEU A 100 -10.93 -12.21 44.96
N LEU A 101 -11.58 -13.27 45.42
CA LEU A 101 -12.05 -14.28 44.47
C LEU A 101 -13.29 -13.84 43.69
N ASP A 102 -14.01 -12.81 44.14
CA ASP A 102 -15.25 -12.42 43.48
C ASP A 102 -15.19 -11.07 42.77
N ILE A 103 -14.40 -10.11 43.25
CA ILE A 103 -14.35 -8.78 42.69
C ILE A 103 -13.02 -8.52 41.99
N ARG A 104 -11.92 -9.02 42.53
CA ARG A 104 -10.59 -8.84 41.98
CA ARG A 104 -10.65 -8.74 41.89
C ARG A 104 -10.35 -9.73 40.76
N ALA A 105 -10.28 -11.04 41.08
CA ALA A 105 -9.88 -12.14 40.20
C ALA A 105 -10.53 -12.04 38.82
N PRO A 106 -11.85 -11.98 38.68
CA PRO A 106 -12.42 -11.93 37.33
C PRO A 106 -11.89 -10.77 36.51
N ARG A 107 -11.52 -9.67 37.16
CA ARG A 107 -10.97 -8.55 36.43
C ARG A 107 -9.54 -8.82 36.01
N VAL A 108 -8.74 -9.42 36.90
CA VAL A 108 -7.38 -9.75 36.51
C VAL A 108 -7.36 -10.82 35.43
N VAL A 109 -8.20 -11.85 35.59
CA VAL A 109 -8.30 -12.88 34.56
C VAL A 109 -8.79 -12.30 33.23
N LEU A 110 -9.75 -11.37 33.27
CA LEU A 110 -10.22 -10.78 32.02
C LEU A 110 -9.10 -10.03 31.32
N ALA A 111 -8.29 -9.28 32.07
CA ALA A 111 -7.15 -8.60 31.46
C ALA A 111 -6.18 -9.59 30.78
N LEU A 112 -5.95 -10.77 31.36
CA LEU A 112 -5.12 -11.77 30.69
C LEU A 112 -5.77 -12.30 29.42
N LEU A 113 -7.08 -12.60 29.47
CA LEU A 113 -7.79 -13.07 28.27
C LEU A 113 -7.81 -12.01 27.17
N VAL A 114 -7.96 -10.73 27.53
CA VAL A 114 -7.99 -9.67 26.51
C VAL A 114 -6.61 -9.49 25.89
N GLY A 115 -5.59 -9.29 26.72
CA GLY A 115 -4.24 -9.15 26.19
C GLY A 115 -3.78 -10.34 25.38
N GLY A 116 -3.79 -11.53 25.98
CA GLY A 116 -3.44 -12.72 25.22
C GLY A 116 -4.27 -12.87 23.97
N GLY A 117 -5.56 -12.54 24.04
CA GLY A 117 -6.42 -12.68 22.87
C GLY A 117 -5.99 -11.76 21.74
N PHE A 118 -5.85 -10.47 22.04
CA PHE A 118 -5.52 -9.52 21.00
C PHE A 118 -4.11 -9.75 20.46
N GLY A 119 -3.14 -10.01 21.34
CA GLY A 119 -1.78 -10.33 20.92
C GLY A 119 -1.73 -11.44 19.89
N ALA A 120 -2.38 -12.57 20.18
CA ALA A 120 -2.35 -13.74 19.31
C ALA A 120 -3.12 -13.50 18.01
N THR A 121 -4.33 -12.95 18.09
CA THR A 121 -5.07 -12.74 16.84
C THR A 121 -4.39 -11.71 15.96
N GLY A 122 -3.68 -10.75 16.55
CA GLY A 122 -2.96 -9.77 15.75
C GLY A 122 -1.79 -10.39 15.01
N ALA A 123 -0.99 -11.19 15.73
CA ALA A 123 0.07 -11.98 15.12
C ALA A 123 -0.44 -12.78 13.93
N ALA A 124 -1.61 -13.42 14.09
CA ALA A 124 -2.16 -14.20 12.98
C ALA A 124 -2.54 -13.30 11.82
N MET A 125 -3.30 -12.23 12.09
CA MET A 125 -3.74 -11.35 11.01
C MET A 125 -2.58 -10.67 10.31
N GLN A 126 -1.54 -10.28 11.06
CA GLN A 126 -0.40 -9.63 10.41
C GLN A 126 0.39 -10.59 9.54
N ALA A 127 0.45 -11.86 9.93
CA ALA A 127 0.95 -12.88 9.02
C ALA A 127 0.02 -13.02 7.83
N LEU A 128 -1.26 -13.29 8.09
CA LEU A 128 -2.24 -13.47 7.03
C LEU A 128 -2.18 -12.35 5.98
N PHE A 129 -2.05 -11.09 6.40
CA PHE A 129 -2.00 -9.98 5.45
C PHE A 129 -0.59 -9.63 5.04
N ARG A 130 0.42 -10.33 5.56
CA ARG A 130 1.80 -10.04 5.20
C ARG A 130 2.08 -8.57 5.43
N ASN A 131 1.63 -8.09 6.55
CA ASN A 131 1.71 -6.68 6.81
C ASN A 131 1.56 -6.43 8.29
N PRO A 132 2.54 -5.78 8.90
CA PRO A 132 2.50 -5.54 10.36
C PRO A 132 1.38 -4.61 10.81
N LEU A 133 0.69 -3.90 9.92
CA LEU A 133 -0.39 -3.00 10.29
C LEU A 133 -1.77 -3.64 10.25
N ALA A 134 -1.91 -4.91 9.93
CA ALA A 134 -3.23 -5.50 10.04
C ALA A 134 -3.61 -5.61 11.52
N ASP A 135 -4.72 -4.97 11.90
CA ASP A 135 -5.29 -5.11 13.24
C ASP A 135 -6.39 -6.17 13.24
N PRO A 136 -6.57 -6.87 14.38
CA PRO A 136 -7.64 -7.88 14.44
C PRO A 136 -9.01 -7.33 14.17
N GLY A 137 -9.20 -6.02 14.25
CA GLY A 137 -10.51 -5.44 14.04
C GLY A 137 -11.06 -5.71 12.66
N LEU A 138 -10.24 -5.44 11.63
CA LEU A 138 -10.56 -5.46 10.20
C LEU A 138 -11.49 -6.57 9.72
N VAL A 139 -11.52 -7.69 10.46
CA VAL A 139 -12.38 -8.81 10.10
C VAL A 139 -13.81 -8.35 9.94
N GLY A 140 -14.30 -7.53 10.87
CA GLY A 140 -15.64 -7.00 10.86
C GLY A 140 -16.17 -6.99 12.28
N VAL A 141 -15.49 -7.75 13.14
CA VAL A 141 -16.11 -8.22 14.37
C VAL A 141 -16.33 -7.07 15.36
N SER A 142 -15.36 -6.14 15.46
CA SER A 142 -15.48 -5.04 16.42
C SER A 142 -16.74 -4.22 16.18
N SER A 143 -16.99 -3.88 14.91
CA SER A 143 -18.17 -3.11 14.53
C SER A 143 -19.46 -3.81 14.92
N GLY A 144 -19.56 -5.10 14.58
CA GLY A 144 -20.77 -5.82 14.92
C GLY A 144 -21.01 -5.88 16.42
N ALA A 145 -19.93 -6.04 17.19
CA ALA A 145 -20.06 -5.96 18.64
C ALA A 145 -20.71 -4.64 19.03
N ALA A 146 -20.13 -3.53 18.55
CA ALA A 146 -20.66 -2.21 18.83
C ALA A 146 -22.04 -2.00 18.25
N LEU A 147 -22.37 -2.61 17.11
CA LEU A 147 -23.76 -2.54 16.66
C LEU A 147 -24.68 -3.31 17.61
N GLY A 148 -24.33 -4.57 17.91
CA GLY A 148 -25.19 -5.39 18.75
C GLY A 148 -25.29 -4.86 20.17
N ALA A 149 -24.18 -4.35 20.70
CA ALA A 149 -24.20 -3.73 22.02
C ALA A 149 -25.10 -2.50 22.05
N THR A 150 -25.11 -1.69 20.99
CA THR A 150 -25.92 -0.49 21.01
C THR A 150 -27.38 -0.80 20.68
N THR A 151 -27.61 -1.73 19.73
CA THR A 151 -28.97 -2.17 19.47
C THR A 151 -29.69 -2.58 20.74
N LEU A 152 -28.98 -3.27 21.65
CA LEU A 152 -29.59 -3.74 22.88
C LEU A 152 -29.73 -2.63 23.91
N ILE A 153 -28.70 -1.82 24.12
CA ILE A 153 -28.78 -0.78 25.14
C ILE A 153 -29.92 0.20 24.84
N VAL A 154 -30.14 0.50 23.55
CA VAL A 154 -31.07 1.56 23.15
C VAL A 154 -32.48 1.03 22.88
N LEU A 155 -32.60 -0.19 22.35
CA LEU A 155 -33.93 -0.78 22.18
C LEU A 155 -34.24 -1.77 23.29
N GLY A 156 -34.30 -1.32 24.56
CA GLY A 156 -34.52 -2.16 25.71
C GLY A 156 -35.64 -3.18 25.54
N PRO A 157 -36.87 -2.71 25.29
CA PRO A 157 -37.97 -3.58 24.81
C PRO A 157 -37.67 -4.26 23.47
N ALA A 164 -31.66 -6.82 29.74
CA ALA A 164 -31.03 -6.34 30.97
C ALA A 164 -30.44 -7.44 31.88
N SER A 165 -30.41 -8.69 31.40
CA SER A 165 -30.05 -9.84 32.24
C SER A 165 -28.55 -9.94 32.58
N ALA A 166 -27.72 -8.97 32.20
CA ALA A 166 -26.27 -8.93 32.44
C ALA A 166 -25.50 -9.98 31.64
N ALA A 167 -26.20 -11.04 31.20
CA ALA A 167 -25.76 -11.89 30.10
C ALA A 167 -26.39 -11.47 28.77
N ALA A 168 -27.34 -10.52 28.79
CA ALA A 168 -27.92 -9.98 27.56
C ALA A 168 -26.93 -9.10 26.79
N LEU A 169 -26.15 -8.27 27.49
CA LEU A 169 -25.25 -7.37 26.75
C LEU A 169 -24.16 -8.14 26.00
N PRO A 170 -23.29 -8.93 26.66
CA PRO A 170 -22.23 -9.63 25.89
C PRO A 170 -22.77 -10.54 24.80
N VAL A 171 -23.91 -11.19 25.01
CA VAL A 171 -24.46 -12.08 23.99
C VAL A 171 -24.89 -11.30 22.76
N ALA A 172 -25.45 -10.10 22.96
CA ALA A 172 -25.81 -9.25 21.81
C ALA A 172 -24.57 -8.83 21.04
N ALA A 173 -23.56 -8.30 21.74
CA ALA A 173 -22.31 -7.89 21.08
C ALA A 173 -21.67 -9.05 20.33
N PHE A 174 -21.78 -10.26 20.88
CA PHE A 174 -21.14 -11.40 20.26
C PHE A 174 -21.89 -11.80 18.99
N ALA A 175 -23.22 -11.76 19.01
CA ALA A 175 -23.98 -12.10 17.81
C ALA A 175 -23.75 -11.07 16.70
N GLY A 176 -23.86 -9.79 17.03
CA GLY A 176 -23.56 -8.77 16.05
C GLY A 176 -22.14 -8.85 15.55
N GLY A 177 -21.19 -9.11 16.46
CA GLY A 177 -19.80 -9.22 16.06
C GLY A 177 -19.60 -10.27 15.00
N LEU A 178 -20.16 -11.46 15.23
CA LEU A 178 -19.98 -12.53 14.28
C LEU A 178 -20.81 -12.29 13.01
N ALA A 179 -22.03 -11.78 13.16
CA ALA A 179 -22.88 -11.57 11.99
C ALA A 179 -22.23 -10.60 11.00
N VAL A 180 -21.72 -9.47 11.49
CA VAL A 180 -21.19 -8.54 10.52
C VAL A 180 -19.79 -8.99 10.07
N ALA A 181 -19.06 -9.72 10.93
CA ALA A 181 -17.83 -10.37 10.48
C ALA A 181 -18.13 -11.42 9.42
N ALA A 182 -19.29 -12.09 9.52
CA ALA A 182 -19.69 -13.06 8.51
C ALA A 182 -20.27 -12.39 7.26
N LEU A 183 -20.99 -11.28 7.43
CA LEU A 183 -21.53 -10.58 6.27
C LEU A 183 -20.41 -10.00 5.43
N VAL A 184 -19.39 -9.39 6.05
CA VAL A 184 -18.24 -8.84 5.33
C VAL A 184 -17.54 -9.92 4.53
N TYR A 185 -17.35 -11.10 5.13
CA TYR A 185 -16.74 -12.22 4.42
C TYR A 185 -17.54 -12.59 3.17
N ARG A 186 -18.86 -12.76 3.30
CA ARG A 186 -19.65 -13.14 2.12
C ARG A 186 -19.55 -12.09 1.01
N LEU A 187 -19.53 -10.79 1.37
CA LEU A 187 -19.49 -9.75 0.33
C LEU A 187 -18.18 -9.77 -0.45
N ALA A 188 -17.09 -10.17 0.20
CA ALA A 188 -15.78 -10.17 -0.44
C ALA A 188 -15.52 -11.47 -1.19
N ALA A 189 -15.99 -12.59 -0.64
CA ALA A 189 -15.72 -13.88 -1.25
C ALA A 189 -16.76 -14.21 -2.32
N SER A 190 -16.30 -14.89 -3.37
CA SER A 190 -17.07 -15.14 -4.58
C SER A 190 -17.40 -16.62 -4.77
N ARG A 191 -17.42 -17.40 -3.70
CA ARG A 191 -17.70 -18.85 -3.76
C ARG A 191 -16.79 -19.58 -4.75
N GLY A 192 -15.49 -19.70 -4.45
CA GLY A 192 -14.93 -19.26 -3.19
C GLY A 192 -13.46 -18.88 -3.27
N ARG A 193 -13.21 -17.62 -3.57
CA ARG A 193 -11.88 -17.03 -3.55
C ARG A 193 -11.97 -15.73 -2.79
N LEU A 194 -11.08 -15.53 -1.83
CA LEU A 194 -11.14 -14.38 -0.92
C LEU A 194 -9.95 -13.49 -1.20
N ALA A 195 -10.14 -12.42 -1.97
CA ALA A 195 -9.07 -11.45 -2.16
C ALA A 195 -9.00 -10.55 -0.95
N LEU A 196 -7.82 -10.43 -0.35
CA LEU A 196 -7.75 -9.62 0.86
C LEU A 196 -8.03 -8.14 0.58
N PRO A 197 -7.66 -7.56 -0.56
CA PRO A 197 -8.14 -6.19 -0.87
C PRO A 197 -9.65 -6.04 -0.86
N LEU A 198 -10.40 -7.02 -1.38
CA LEU A 198 -11.86 -6.92 -1.39
C LEU A 198 -12.43 -7.06 0.00
N LEU A 199 -11.88 -7.97 0.82
CA LEU A 199 -12.30 -8.03 2.22
C LEU A 199 -12.18 -6.67 2.88
N LEU A 200 -11.11 -5.95 2.59
CA LEU A 200 -10.95 -4.61 3.17
C LEU A 200 -11.99 -3.65 2.62
N LEU A 201 -12.37 -3.82 1.36
CA LEU A 201 -13.38 -2.94 0.76
C LEU A 201 -14.79 -3.25 1.27
N ALA A 202 -15.16 -4.53 1.39
CA ALA A 202 -16.40 -4.86 2.07
C ALA A 202 -16.43 -4.29 3.48
N GLY A 203 -15.33 -4.42 4.21
CA GLY A 203 -15.25 -3.87 5.55
C GLY A 203 -15.50 -2.38 5.60
N ILE A 204 -14.85 -1.62 4.72
CA ILE A 204 -15.12 -0.18 4.67
C ILE A 204 -16.60 0.09 4.47
N ALA A 205 -17.23 -0.67 3.56
CA ALA A 205 -18.63 -0.40 3.24
C ALA A 205 -19.55 -0.89 4.35
N ILE A 206 -19.29 -2.07 4.91
CA ILE A 206 -20.19 -2.53 5.97
C ILE A 206 -19.96 -1.74 7.24
N ASN A 207 -18.73 -1.27 7.46
CA ASN A 207 -18.46 -0.39 8.60
C ASN A 207 -19.17 0.96 8.50
N ALA A 208 -19.32 1.50 7.27
CA ALA A 208 -20.05 2.74 7.08
C ALA A 208 -21.50 2.57 7.47
N LEU A 209 -22.10 1.44 7.10
CA LEU A 209 -23.51 1.17 7.34
C LEU A 209 -23.80 0.94 8.82
N VAL A 210 -22.94 0.19 9.51
CA VAL A 210 -23.07 -0.02 10.95
C VAL A 210 -22.89 1.27 11.78
N GLY A 211 -21.95 2.15 11.39
CA GLY A 211 -21.87 3.46 12.04
C GLY A 211 -23.09 4.33 11.80
N ALA A 212 -23.74 4.15 10.65
CA ALA A 212 -25.00 4.83 10.40
C ALA A 212 -26.05 4.38 11.41
N ALA A 213 -26.19 3.07 11.58
CA ALA A 213 -27.13 2.52 12.58
C ALA A 213 -26.74 2.91 13.99
N ILE A 214 -25.43 2.98 14.29
CA ILE A 214 -25.03 3.32 15.65
C ILE A 214 -25.39 4.76 15.99
N GLY A 215 -25.04 5.70 15.11
CA GLY A 215 -25.30 7.10 15.39
C GLY A 215 -26.79 7.40 15.41
N LEU A 216 -27.53 6.72 14.53
CA LEU A 216 -28.99 6.82 14.56
C LEU A 216 -29.54 6.40 15.91
N LEU A 217 -28.99 5.30 16.47
CA LEU A 217 -29.45 4.76 17.74
C LEU A 217 -28.98 5.59 18.92
N THR A 218 -27.71 6.02 18.88
CA THR A 218 -27.22 7.02 19.81
C THR A 218 -28.10 8.26 19.83
N PHE A 219 -28.34 8.84 18.64
CA PHE A 219 -29.21 10.01 18.49
C PHE A 219 -30.50 9.86 19.28
N VAL A 220 -31.11 8.68 19.23
CA VAL A 220 -32.39 8.49 19.89
C VAL A 220 -32.24 8.06 21.34
N ALA A 221 -31.01 7.86 21.84
CA ALA A 221 -30.80 7.30 23.17
C ALA A 221 -31.01 8.33 24.27
N ASP A 222 -31.62 7.90 25.36
CA ASP A 222 -31.83 8.78 26.51
C ASP A 222 -30.53 8.86 27.29
N ASP A 223 -30.56 9.46 28.48
CA ASP A 223 -29.32 9.75 29.20
C ASP A 223 -28.66 8.47 29.71
N ALA A 224 -29.44 7.54 30.26
CA ALA A 224 -28.87 6.31 30.80
C ALA A 224 -28.26 5.47 29.70
N GLN A 225 -28.96 5.35 28.58
CA GLN A 225 -28.42 4.58 27.46
C GLN A 225 -27.13 5.22 26.94
N LEU A 226 -27.16 6.53 26.75
CA LEU A 226 -25.94 7.19 26.31
C LEU A 226 -24.78 6.89 27.25
N ARG A 227 -25.04 6.80 28.57
CA ARG A 227 -23.93 6.61 29.51
C ARG A 227 -23.33 5.20 29.40
N SER A 228 -24.17 4.21 29.12
CA SER A 228 -23.67 2.86 28.84
C SER A 228 -22.80 2.83 27.57
N LEU A 229 -23.38 3.20 26.43
CA LEU A 229 -22.66 3.32 25.17
C LEU A 229 -21.28 3.94 25.31
N THR A 230 -21.19 5.14 25.89
CA THR A 230 -19.86 5.74 25.94
C THR A 230 -18.96 4.97 26.90
N PHE A 231 -19.49 4.47 28.02
CA PHE A 231 -18.64 3.69 28.91
C PHE A 231 -18.14 2.43 28.23
N TRP A 232 -19.06 1.65 27.64
CA TRP A 232 -18.68 0.46 26.90
CA TRP A 232 -18.66 0.46 26.90
C TRP A 232 -17.72 0.79 25.76
N SER A 233 -17.88 1.97 25.14
CA SER A 233 -17.06 2.37 24.01
C SER A 233 -15.70 2.93 24.43
N LEU A 234 -15.49 3.22 25.69
CA LEU A 234 -14.15 3.57 26.13
C LEU A 234 -13.36 2.33 26.58
N GLY A 235 -14.01 1.16 26.64
CA GLY A 235 -13.32 -0.04 27.11
C GLY A 235 -13.11 -0.11 28.62
N SER A 236 -13.58 -1.19 29.26
CA SER A 236 -13.43 -1.30 30.69
C SER A 236 -13.41 -2.78 31.02
N LEU A 237 -12.57 -3.15 31.98
CA LEU A 237 -12.66 -4.50 32.54
C LEU A 237 -13.60 -4.57 33.74
N GLY A 238 -14.32 -3.49 34.06
CA GLY A 238 -15.11 -3.40 35.28
C GLY A 238 -16.39 -4.21 35.26
N GLY A 239 -16.76 -4.80 34.13
CA GLY A 239 -17.88 -5.73 34.05
C GLY A 239 -17.49 -7.19 34.24
N ALA A 240 -16.25 -7.46 34.64
CA ALA A 240 -15.73 -8.82 34.65
C ALA A 240 -16.34 -9.62 35.79
N GLN A 241 -17.18 -10.61 35.46
CA GLN A 241 -17.65 -11.57 36.47
C GLN A 241 -17.49 -12.99 35.97
N TRP A 242 -17.29 -13.93 36.90
CA TRP A 242 -17.04 -15.33 36.56
C TRP A 242 -18.07 -15.94 35.62
N PRO A 243 -19.39 -15.79 35.83
CA PRO A 243 -20.32 -16.47 34.90
C PRO A 243 -20.08 -16.14 33.43
N THR A 244 -19.71 -14.90 33.09
CA THR A 244 -19.45 -14.60 31.69
C THR A 244 -18.07 -15.12 31.25
N LEU A 245 -17.03 -14.95 32.09
CA LEU A 245 -15.73 -15.56 31.77
C LEU A 245 -15.84 -17.04 31.45
N ALA A 246 -16.71 -17.78 32.14
CA ALA A 246 -17.02 -19.15 31.76
C ALA A 246 -17.34 -19.29 30.29
N ALA A 247 -17.96 -18.27 29.71
CA ALA A 247 -18.32 -18.30 28.30
C ALA A 247 -17.24 -17.68 27.41
N VAL A 248 -16.64 -16.58 27.87
CA VAL A 248 -15.66 -15.84 27.05
C VAL A 248 -14.38 -16.65 26.85
N ALA A 249 -13.84 -17.21 27.95
CA ALA A 249 -12.57 -17.93 27.95
C ALA A 249 -12.54 -19.07 26.92
N PRO A 250 -13.49 -20.02 26.92
CA PRO A 250 -13.41 -21.10 25.90
C PRO A 250 -13.44 -20.60 24.47
N CYS A 251 -14.24 -19.58 24.18
CA CYS A 251 -14.14 -18.91 22.89
C CYS A 251 -12.70 -18.50 22.60
N VAL A 252 -12.12 -17.67 23.47
CA VAL A 252 -10.76 -17.19 23.24
C VAL A 252 -9.80 -18.36 23.14
N ALA A 253 -9.97 -19.37 23.98
CA ALA A 253 -9.05 -20.51 23.89
C ALA A 253 -9.29 -21.30 22.61
N LEU A 254 -10.54 -21.40 22.15
CA LEU A 254 -10.78 -22.15 20.93
C LEU A 254 -10.27 -21.40 19.69
N GLY A 255 -10.55 -20.10 19.59
CA GLY A 255 -9.81 -19.26 18.66
C GLY A 255 -8.31 -19.45 18.79
N GLY A 256 -7.81 -19.46 20.03
CA GLY A 256 -6.38 -19.63 20.21
C GLY A 256 -5.88 -20.93 19.65
N VAL A 257 -6.66 -22.01 19.83
CA VAL A 257 -6.23 -23.33 19.35
C VAL A 257 -6.18 -23.35 17.83
N LEU A 258 -7.23 -22.80 17.18
CA LEU A 258 -7.31 -22.84 15.73
C LEU A 258 -6.17 -22.08 15.05
N LEU A 259 -5.68 -21.01 15.68
CA LEU A 259 -4.55 -20.28 15.11
C LEU A 259 -3.27 -21.10 15.18
N VAL A 260 -2.96 -21.64 16.39
CA VAL A 260 -1.81 -22.51 16.58
C VAL A 260 -1.78 -23.64 15.54
N ARG A 261 -2.94 -24.22 15.23
CA ARG A 261 -2.98 -25.26 14.21
C ARG A 261 -2.66 -24.75 12.82
N GLU A 262 -2.29 -23.46 12.68
CA GLU A 262 -1.98 -22.83 11.39
C GLU A 262 -0.64 -22.11 11.42
N ARG A 263 0.21 -22.42 12.41
CA ARG A 263 1.46 -21.68 12.56
C ARG A 263 2.44 -21.98 11.43
N ASP A 264 2.40 -23.17 10.84
CA ASP A 264 3.33 -23.48 9.77
C ASP A 264 2.85 -22.90 8.45
N ALA A 265 1.57 -23.14 8.13
CA ALA A 265 0.98 -22.57 6.91
C ALA A 265 1.16 -21.06 6.87
N LEU A 266 0.98 -20.39 8.01
CA LEU A 266 1.17 -18.94 8.06
C LEU A 266 2.62 -18.56 7.81
N ASN A 267 3.57 -19.38 8.28
CA ASN A 267 4.97 -19.06 8.02
C ASN A 267 5.26 -19.16 6.55
N ALA A 268 4.69 -20.18 5.88
CA ALA A 268 4.91 -20.35 4.45
C ALA A 268 4.24 -19.25 3.64
N LEU A 269 3.08 -18.78 4.10
CA LEU A 269 2.36 -17.68 3.45
C LEU A 269 3.10 -16.33 3.56
N GLN A 270 3.99 -16.17 4.53
CA GLN A 270 4.82 -14.98 4.63
C GLN A 270 5.79 -14.83 3.47
N LEU A 271 5.86 -15.83 2.60
CA LEU A 271 6.83 -15.92 1.55
C LEU A 271 6.29 -15.37 0.24
N GLY A 272 4.99 -15.12 0.22
CA GLY A 272 4.20 -14.82 -0.96
C GLY A 272 3.01 -15.75 -0.99
N GLU A 273 1.84 -15.22 -1.36
CA GLU A 273 0.67 -16.09 -1.48
C GLU A 273 0.90 -17.18 -2.54
N THR A 274 1.38 -16.80 -3.74
CA THR A 274 1.59 -17.79 -4.79
C THR A 274 2.72 -18.74 -4.43
N GLU A 275 3.79 -18.20 -3.84
CA GLU A 275 4.87 -19.02 -3.32
C GLU A 275 4.34 -20.08 -2.36
N ALA A 276 3.49 -19.68 -1.42
CA ALA A 276 2.96 -20.63 -0.46
C ALA A 276 2.07 -21.68 -1.14
N LEU A 277 1.23 -21.25 -2.08
CA LEU A 277 0.40 -22.20 -2.84
C LEU A 277 1.24 -23.27 -3.53
N HIS A 278 2.42 -22.87 -4.04
CA HIS A 278 3.34 -23.81 -4.66
C HIS A 278 3.93 -24.78 -3.67
N LEU A 279 4.04 -24.38 -2.39
CA LEU A 279 4.47 -25.25 -1.29
C LEU A 279 3.36 -26.17 -0.79
N GLY A 280 2.13 -26.08 -1.34
CA GLY A 280 1.01 -26.92 -0.93
C GLY A 280 0.05 -26.32 0.10
N VAL A 281 0.32 -25.12 0.60
CA VAL A 281 -0.55 -24.43 1.56
C VAL A 281 -1.85 -24.12 0.84
N PRO A 282 -2.97 -24.54 1.35
CA PRO A 282 -4.27 -24.20 0.73
C PRO A 282 -4.73 -22.79 1.10
N VAL A 283 -4.07 -21.79 0.50
CA VAL A 283 -4.15 -20.43 1.02
C VAL A 283 -5.58 -19.89 1.08
N GLN A 284 -6.51 -20.42 0.28
CA GLN A 284 -7.89 -19.97 0.43
C GLN A 284 -8.54 -20.53 1.70
N ARG A 285 -8.37 -21.83 1.96
CA ARG A 285 -8.84 -22.37 3.23
C ARG A 285 -8.12 -21.71 4.39
N LEU A 286 -6.85 -21.33 4.19
CA LEU A 286 -6.10 -20.71 5.28
C LEU A 286 -6.68 -19.34 5.63
N LYS A 287 -6.98 -18.52 4.62
CA LYS A 287 -7.59 -17.24 4.89
C LYS A 287 -8.88 -17.39 5.70
N ARG A 288 -9.74 -18.34 5.33
CA ARG A 288 -11.01 -18.44 6.02
C ARG A 288 -10.85 -18.97 7.43
N ARG A 289 -9.89 -19.85 7.68
CA ARG A 289 -9.77 -20.45 9.01
C ARG A 289 -9.25 -19.45 10.03
N VAL A 290 -8.31 -18.60 9.62
CA VAL A 290 -7.82 -17.53 10.50
C VAL A 290 -8.92 -16.53 10.82
N LEU A 291 -9.63 -16.05 9.80
CA LEU A 291 -10.71 -15.06 10.00
C LEU A 291 -11.78 -15.58 10.97
N VAL A 292 -12.30 -16.79 10.73
CA VAL A 292 -13.26 -17.33 11.68
C VAL A 292 -12.62 -17.52 13.05
N ALA A 293 -11.32 -17.86 13.12
CA ALA A 293 -10.74 -17.98 14.46
C ALA A 293 -10.54 -16.61 15.11
N VAL A 294 -10.06 -15.62 14.34
CA VAL A 294 -9.95 -14.26 14.89
C VAL A 294 -11.31 -13.71 15.27
N ALA A 295 -12.33 -13.94 14.43
CA ALA A 295 -13.65 -13.37 14.69
C ALA A 295 -14.23 -13.91 15.98
N LEU A 296 -13.98 -15.20 16.24
CA LEU A 296 -14.48 -15.89 17.42
C LEU A 296 -13.80 -15.40 18.71
N ALA A 297 -12.46 -15.19 18.69
CA ALA A 297 -11.78 -14.70 19.89
C ALA A 297 -12.00 -13.21 20.17
N VAL A 298 -11.80 -12.35 19.16
CA VAL A 298 -12.06 -10.93 19.33
C VAL A 298 -13.54 -10.69 19.66
N GLY A 299 -14.44 -11.43 19.00
CA GLY A 299 -15.86 -11.19 19.25
C GLY A 299 -16.23 -11.49 20.70
N ALA A 300 -15.67 -12.58 21.24
CA ALA A 300 -15.86 -12.87 22.66
C ALA A 300 -15.32 -11.73 23.52
N LEU A 301 -14.22 -11.10 23.12
CA LEU A 301 -13.54 -10.17 24.03
C LEU A 301 -14.17 -8.79 24.03
N VAL A 302 -14.41 -8.24 22.84
CA VAL A 302 -15.12 -6.97 22.74
C VAL A 302 -16.45 -7.06 23.44
N SER A 303 -17.03 -8.27 23.53
CA SER A 303 -18.36 -8.45 24.11
C SER A 303 -18.41 -8.06 25.56
N CYS A 304 -17.30 -8.18 26.27
CA CYS A 304 -17.33 -7.91 27.69
C CYS A 304 -16.23 -6.98 28.14
N ALA A 305 -15.43 -6.46 27.21
CA ALA A 305 -14.45 -5.43 27.55
C ALA A 305 -14.68 -4.10 26.85
N GLY A 306 -15.40 -4.08 25.74
CA GLY A 306 -15.62 -2.85 25.00
C GLY A 306 -14.53 -2.64 23.98
N ILE A 307 -14.23 -1.40 23.63
CA ILE A 307 -13.28 -1.14 22.57
C ILE A 307 -11.90 -0.87 23.17
N ILE A 308 -10.97 -1.76 22.89
CA ILE A 308 -9.58 -1.60 23.25
C ILE A 308 -8.95 -2.28 22.07
N GLY A 309 -7.99 -1.70 21.36
CA GLY A 309 -7.21 -0.54 21.72
C GLY A 309 -5.71 -0.83 21.59
N PHE A 310 -5.18 -0.94 20.38
CA PHE A 310 -3.73 -0.96 20.12
C PHE A 310 -2.90 -2.18 20.53
N ILE A 311 -3.38 -3.04 21.43
CA ILE A 311 -2.53 -4.15 21.87
C ILE A 311 -2.19 -5.08 20.71
N GLY A 312 -3.20 -5.49 19.93
CA GLY A 312 -2.97 -6.43 18.84
C GLY A 312 -2.05 -5.91 17.73
N LEU A 313 -1.73 -4.61 17.72
CA LEU A 313 -0.68 -4.06 16.87
C LEU A 313 0.67 -4.08 17.57
N VAL A 314 0.72 -3.52 18.78
CA VAL A 314 1.96 -3.39 19.54
C VAL A 314 2.57 -4.76 19.88
N ALA A 315 1.81 -5.61 20.53
CA ALA A 315 2.44 -6.80 21.08
C ALA A 315 3.10 -7.66 20.00
N PRO A 316 2.42 -8.09 18.93
CA PRO A 316 3.12 -8.97 17.98
C PRO A 316 4.25 -8.28 17.25
N HIS A 317 4.37 -6.96 17.37
CA HIS A 317 5.47 -6.25 16.75
C HIS A 317 6.73 -6.24 17.60
N CYS A 318 6.62 -6.20 18.91
CA CYS A 318 7.85 -6.26 19.70
C CYS A 318 8.38 -7.68 19.74
N VAL A 319 7.49 -8.66 19.89
CA VAL A 319 7.93 -10.04 19.95
C VAL A 319 8.65 -10.40 18.66
N ARG A 320 8.16 -9.83 17.54
CA ARG A 320 8.82 -10.08 16.25
C ARG A 320 10.24 -9.52 16.22
N LEU A 321 10.40 -8.23 16.56
CA LEU A 321 11.71 -7.59 16.64
C LEU A 321 12.65 -8.27 17.62
N ALA A 322 12.14 -9.09 18.55
CA ALA A 322 13.00 -9.84 19.44
C ALA A 322 13.29 -11.25 18.94
N CYS A 323 12.43 -11.83 18.12
CA CYS A 323 12.61 -13.24 17.79
C CYS A 323 12.36 -13.55 16.32
N GLY A 324 12.10 -12.54 15.47
CA GLY A 324 11.82 -12.79 14.09
C GLY A 324 10.36 -13.09 13.83
N PRO A 325 9.99 -13.30 12.57
CA PRO A 325 8.57 -13.49 12.25
C PRO A 325 8.07 -14.90 12.44
N ASP A 326 8.91 -15.87 12.80
CA ASP A 326 8.47 -17.27 12.89
C ASP A 326 7.16 -17.40 13.66
N GLN A 327 6.08 -17.82 12.98
CA GLN A 327 4.78 -17.89 13.64
C GLN A 327 4.81 -18.77 14.88
N ARG A 328 5.72 -19.75 14.93
CA ARG A 328 5.77 -20.68 16.06
CA ARG A 328 5.76 -20.67 16.06
C ARG A 328 6.23 -20.00 17.33
N ILE A 329 7.05 -18.94 17.22
CA ILE A 329 7.42 -18.12 18.37
C ILE A 329 6.41 -16.98 18.59
N VAL A 330 6.02 -16.29 17.52
CA VAL A 330 5.38 -14.99 17.68
C VAL A 330 3.99 -15.12 18.27
N LEU A 331 3.25 -16.19 17.91
CA LEU A 331 1.85 -16.26 18.33
C LEU A 331 1.72 -16.50 19.82
N PRO A 332 2.42 -17.46 20.44
CA PRO A 332 2.47 -17.47 21.91
C PRO A 332 3.24 -16.30 22.50
N GLY A 333 4.29 -15.83 21.80
CA GLY A 333 5.04 -14.69 22.28
C GLY A 333 4.19 -13.45 22.39
N ALA A 334 3.42 -13.16 21.34
CA ALA A 334 2.62 -11.95 21.34
C ALA A 334 1.50 -12.03 22.38
N ALA A 335 0.91 -13.21 22.55
CA ALA A 335 -0.16 -13.35 23.53
C ALA A 335 0.35 -13.14 24.97
N LEU A 336 1.51 -13.72 25.32
CA LEU A 336 2.10 -13.43 26.63
C LEU A 336 2.37 -11.93 26.78
N LEU A 337 3.09 -11.33 25.83
CA LEU A 337 3.35 -9.89 25.93
C LEU A 337 2.07 -9.06 25.89
N GLY A 338 1.04 -9.51 25.16
CA GLY A 338 -0.22 -8.78 25.18
C GLY A 338 -0.89 -8.86 26.54
N ALA A 339 -0.96 -10.06 27.11
CA ALA A 339 -1.46 -10.20 28.46
C ALA A 339 -0.63 -9.36 29.43
N LEU A 340 0.69 -9.36 29.25
CA LEU A 340 1.52 -8.53 30.13
C LEU A 340 1.22 -7.04 29.96
N LEU A 341 1.07 -6.58 28.72
CA LEU A 341 0.84 -5.15 28.52
C LEU A 341 -0.58 -4.72 28.97
N THR A 342 -1.61 -5.51 28.65
CA THR A 342 -2.98 -5.15 29.03
C THR A 342 -3.13 -5.03 30.54
N LEU A 343 -2.61 -6.03 31.24
CA LEU A 343 -2.63 -6.01 32.69
C LEU A 343 -1.87 -4.82 33.25
N ALA A 344 -0.68 -4.54 32.71
CA ALA A 344 0.04 -3.33 33.10
C ALA A 344 -0.82 -2.09 32.88
N ALA A 345 -1.63 -2.09 31.80
CA ALA A 345 -2.52 -0.97 31.49
C ALA A 345 -3.68 -0.88 32.47
N ASP A 346 -4.24 -2.03 32.92
CA ASP A 346 -5.41 -1.97 33.81
C ASP A 346 -4.98 -1.74 35.24
N LEU A 347 -3.85 -2.34 35.64
CA LEU A 347 -3.21 -1.92 36.87
C LEU A 347 -2.91 -0.42 36.86
N ALA A 348 -2.57 0.15 35.71
CA ALA A 348 -2.37 1.59 35.65
C ALA A 348 -3.67 2.38 35.86
N ALA A 349 -4.78 1.95 35.26
CA ALA A 349 -6.01 2.73 35.38
C ALA A 349 -6.52 2.73 36.82
N ARG A 350 -6.59 1.53 37.45
CA ARG A 350 -7.08 1.37 38.81
CA ARG A 350 -7.10 1.41 38.80
C ARG A 350 -6.16 2.05 39.82
N THR A 351 -5.13 2.75 39.37
CA THR A 351 -4.07 3.22 40.26
C THR A 351 -3.69 4.69 40.11
N VAL A 352 -3.26 5.11 38.91
CA VAL A 352 -2.64 6.42 38.65
C VAL A 352 -3.56 7.56 39.07
N ALA A 353 -4.87 7.31 39.13
CA ALA A 353 -5.83 8.37 39.47
C ALA A 353 -6.81 7.88 40.53
N ALA A 354 -6.30 7.13 41.50
CA ALA A 354 -7.16 6.52 42.50
C ALA A 354 -7.89 7.61 43.29
N PRO A 355 -9.20 7.41 43.57
CA PRO A 355 -9.99 6.20 43.26
C PRO A 355 -10.76 6.17 41.94
N ALA A 356 -10.45 7.03 40.97
CA ALA A 356 -11.15 6.91 39.69
C ALA A 356 -10.71 5.66 38.96
N ASP A 357 -11.61 5.12 38.15
CA ASP A 357 -11.34 3.91 37.39
C ASP A 357 -11.40 4.33 35.93
N ILE A 358 -10.23 4.64 35.38
CA ILE A 358 -10.04 5.27 34.07
C ILE A 358 -10.35 4.26 32.97
N PRO A 359 -11.04 4.64 31.92
CA PRO A 359 -11.29 3.70 30.84
C PRO A 359 -10.01 3.08 30.34
N LEU A 360 -10.06 1.76 30.09
CA LEU A 360 -8.87 1.05 29.65
C LEU A 360 -8.44 1.50 28.25
N GLY A 361 -9.39 1.75 27.35
CA GLY A 361 -9.01 2.22 26.03
C GLY A 361 -8.13 3.45 26.10
N VAL A 362 -8.34 4.30 27.10
CA VAL A 362 -7.54 5.51 27.23
C VAL A 362 -6.10 5.14 27.52
N LEU A 363 -5.89 4.15 28.39
CA LEU A 363 -4.53 3.73 28.74
C LEU A 363 -3.86 2.97 27.60
N THR A 364 -4.59 2.10 26.90
CA THR A 364 -3.92 1.42 25.79
C THR A 364 -3.58 2.38 24.66
N ALA A 365 -4.33 3.46 24.49
CA ALA A 365 -3.93 4.48 23.51
C ALA A 365 -2.67 5.18 23.96
N LEU A 366 -2.43 5.26 25.26
CA LEU A 366 -1.20 5.87 25.70
C LEU A 366 0.00 4.93 25.58
N LEU A 367 -0.21 3.67 25.18
CA LEU A 367 0.85 2.82 24.66
C LEU A 367 1.01 3.00 23.15
N GLY A 368 -0.11 2.94 22.42
CA GLY A 368 -0.05 3.15 20.99
C GLY A 368 0.72 4.40 20.61
N ALA A 369 0.45 5.52 21.29
CA ALA A 369 1.05 6.77 20.84
C ALA A 369 2.59 6.69 20.89
N PRO A 370 3.22 6.37 22.03
CA PRO A 370 4.69 6.19 22.02
C PRO A 370 5.19 5.07 21.12
N PHE A 371 4.44 3.99 20.95
CA PHE A 371 4.84 2.94 20.01
C PHE A 371 4.96 3.46 18.59
N PHE A 372 3.96 4.20 18.12
CA PHE A 372 4.02 4.74 16.76
C PHE A 372 4.98 5.91 16.67
N LEU A 373 5.17 6.66 17.75
CA LEU A 373 6.22 7.67 17.75
C LEU A 373 7.60 7.03 17.67
N ALA A 374 7.80 5.86 18.30
CA ALA A 374 9.04 5.09 18.13
C ALA A 374 9.23 4.59 16.70
N LEU A 375 8.20 3.97 16.11
CA LEU A 375 8.22 3.62 14.69
C LEU A 375 8.67 4.80 13.83
N LEU A 376 8.04 5.96 13.99
CA LEU A 376 8.41 7.14 13.21
C LEU A 376 9.91 7.43 13.33
N TRP A 377 10.39 7.67 14.55
CA TRP A 377 11.79 7.99 14.78
C TRP A 377 12.72 6.91 14.23
N LYS A 378 12.26 5.66 14.19
CA LYS A 378 13.11 4.57 13.72
C LYS A 378 13.24 4.59 12.20
N ASN A 379 12.17 4.95 11.49
CA ASN A 379 12.10 4.85 10.04
C ASN A 379 12.24 6.21 9.34
N ARG A 380 12.89 7.18 10.00
CA ARG A 380 13.43 8.35 9.33
C ARG A 380 14.54 7.93 8.36
N GLY A 381 14.62 8.64 7.23
CA GLY A 381 15.51 8.27 6.15
C GLY A 381 14.82 7.26 5.27
N ALA A 382 14.65 6.05 5.80
CA ALA A 382 13.94 4.97 5.11
C ALA A 382 12.58 5.41 4.57
N SER B 48 -7.64 16.96 -25.53
CA SER B 48 -7.79 16.43 -26.87
C SER B 48 -9.00 15.46 -26.95
N ARG B 49 -9.16 14.60 -25.93
CA ARG B 49 -10.05 13.45 -25.98
C ARG B 49 -11.00 13.42 -24.77
N ARG B 50 -11.42 14.59 -24.34
CA ARG B 50 -11.92 14.73 -22.98
C ARG B 50 -12.78 15.95 -22.79
N PHE B 51 -13.95 16.03 -23.43
CA PHE B 51 -14.74 17.25 -23.28
C PHE B 51 -15.95 17.03 -22.39
N ALA B 52 -15.73 17.43 -21.17
CA ALA B 52 -16.37 17.32 -19.89
C ALA B 52 -16.78 18.66 -19.29
N PRO B 53 -16.33 19.83 -19.82
CA PRO B 53 -16.87 21.11 -19.28
C PRO B 53 -18.39 21.21 -19.29
N PHE B 54 -19.06 20.35 -20.05
CA PHE B 54 -20.49 20.15 -19.89
C PHE B 54 -20.81 19.36 -18.64
N VAL B 55 -20.00 18.36 -18.28
CA VAL B 55 -20.15 17.71 -16.97
C VAL B 55 -20.07 18.75 -15.86
N LEU B 56 -19.01 19.57 -15.83
CA LEU B 56 -18.96 20.66 -14.85
C LEU B 56 -20.22 21.50 -14.89
N ALA B 57 -20.58 22.00 -16.06
CA ALA B 57 -21.71 22.92 -16.14
C ALA B 57 -23.00 22.26 -15.68
N ALA B 58 -23.17 20.97 -16.01
CA ALA B 58 -24.30 20.21 -15.50
C ALA B 58 -24.32 20.17 -13.98
N LEU B 59 -23.24 19.68 -13.36
CA LEU B 59 -23.14 19.71 -11.90
C LEU B 59 -23.53 21.08 -11.35
N ALA B 60 -23.08 22.16 -11.99
CA ALA B 60 -23.48 23.49 -11.58
C ALA B 60 -25.00 23.62 -11.58
N ILE B 61 -25.64 23.42 -12.74
CA ILE B 61 -27.10 23.54 -12.82
C ILE B 61 -27.77 22.69 -11.75
N LEU B 62 -27.36 21.43 -11.64
CA LEU B 62 -27.98 20.55 -10.65
C LEU B 62 -27.76 21.08 -9.23
N MET B 63 -26.60 21.65 -8.96
CA MET B 63 -26.37 22.23 -7.64
C MET B 63 -27.32 23.39 -7.38
N GLY B 64 -27.26 24.42 -8.22
CA GLY B 64 -28.22 25.50 -8.14
C GLY B 64 -29.66 25.02 -8.00
N ALA B 65 -30.10 24.13 -8.89
CA ALA B 65 -31.45 23.61 -8.81
C ALA B 65 -31.73 23.04 -7.42
N MET B 66 -30.85 22.18 -6.94
CA MET B 66 -31.01 21.60 -5.60
C MET B 66 -31.09 22.68 -4.53
N SER B 67 -30.33 23.76 -4.69
CA SER B 67 -30.38 24.87 -3.75
C SER B 67 -31.79 25.46 -3.65
N VAL B 68 -32.38 25.80 -4.79
CA VAL B 68 -33.77 26.26 -4.76
C VAL B 68 -34.64 25.23 -4.06
N VAL B 69 -34.55 23.97 -4.49
CA VAL B 69 -35.41 22.95 -3.92
C VAL B 69 -35.24 22.87 -2.42
N ALA B 70 -34.02 23.10 -1.91
CA ALA B 70 -33.79 23.06 -0.47
C ALA B 70 -34.44 24.24 0.24
N LEU B 71 -34.57 25.39 -0.43
CA LEU B 71 -35.15 26.57 0.18
C LEU B 71 -36.66 26.51 0.25
N CYS B 72 -37.29 25.62 -0.51
CA CYS B 72 -38.74 25.52 -0.53
C CYS B 72 -39.26 24.29 0.22
N VAL B 73 -38.46 23.71 1.10
CA VAL B 73 -38.88 22.55 1.92
C VAL B 73 -38.07 22.59 3.24
N GLY B 74 -38.64 22.20 4.38
CA GLY B 74 -40.02 21.79 4.49
C GLY B 74 -40.62 21.75 5.90
N ALA B 75 -39.80 21.79 6.95
CA ALA B 75 -40.28 21.49 8.31
C ALA B 75 -41.34 22.50 8.74
N TYR B 76 -40.96 23.78 8.79
CA TYR B 76 -41.94 24.86 8.90
C TYR B 76 -42.71 24.96 7.59
N ARG B 77 -43.99 24.61 7.60
CA ARG B 77 -44.74 24.37 6.37
C ARG B 77 -45.02 25.69 5.67
N ILE B 78 -44.40 25.87 4.50
CA ILE B 78 -44.54 27.07 3.70
C ILE B 78 -44.84 26.61 2.28
N PRO B 79 -45.99 26.94 1.73
CA PRO B 79 -46.22 26.68 0.30
C PRO B 79 -45.51 27.73 -0.54
N LEU B 80 -45.12 27.34 -1.75
CA LEU B 80 -44.31 28.23 -2.58
C LEU B 80 -44.95 29.60 -2.73
N ALA B 81 -46.28 29.66 -2.69
CA ALA B 81 -46.97 30.94 -2.82
C ALA B 81 -46.65 31.87 -1.64
N GLU B 82 -46.68 31.33 -0.40
CA GLU B 82 -46.21 32.08 0.77
C GLU B 82 -44.70 32.28 0.73
N ALA B 83 -43.96 31.37 0.07
CA ALA B 83 -42.52 31.52 -0.09
C ALA B 83 -42.18 32.73 -0.96
N TRP B 84 -42.85 32.86 -2.11
CA TRP B 84 -42.60 34.01 -2.97
C TRP B 84 -43.12 35.31 -2.33
N ALA B 85 -44.31 35.27 -1.73
CA ALA B 85 -44.79 36.47 -1.06
C ALA B 85 -43.83 36.91 0.05
N ALA B 86 -43.31 35.95 0.82
CA ALA B 86 -42.39 36.29 1.91
C ALA B 86 -41.14 36.96 1.37
N LEU B 87 -40.58 36.42 0.30
CA LEU B 87 -39.38 37.01 -0.25
C LEU B 87 -39.66 38.37 -0.88
N SER B 88 -40.90 38.60 -1.34
CA SER B 88 -41.28 39.83 -2.03
C SER B 88 -41.60 41.00 -1.10
N GLY B 89 -41.66 40.78 0.22
CA GLY B 89 -41.93 41.85 1.16
C GLY B 89 -43.37 42.00 1.61
N ASP B 90 -44.27 41.13 1.16
CA ASP B 90 -45.63 41.10 1.67
C ASP B 90 -45.60 41.00 3.20
N PRO B 91 -46.25 41.92 3.93
CA PRO B 91 -46.27 41.82 5.40
C PRO B 91 -47.08 40.64 5.95
N ALA B 92 -47.96 40.03 5.14
CA ALA B 92 -48.74 38.88 5.60
C ALA B 92 -47.86 37.65 5.77
N ALA B 93 -46.75 37.59 5.06
CA ALA B 93 -45.81 36.47 5.08
C ALA B 93 -44.56 36.81 5.87
N GLN B 94 -44.71 37.61 6.94
CA GLN B 94 -43.56 38.14 7.67
C GLN B 94 -42.80 37.04 8.41
N GLN B 95 -43.52 36.05 8.95
CA GLN B 95 -42.86 34.97 9.67
C GLN B 95 -42.20 33.98 8.72
N ALA B 96 -42.87 33.67 7.60
CA ALA B 96 -42.23 32.80 6.61
C ALA B 96 -40.91 33.40 6.10
N ARG B 97 -40.82 34.73 6.02
CA ARG B 97 -39.59 35.33 5.54
C ARG B 97 -38.45 35.14 6.54
N ALA B 98 -38.72 35.35 7.84
CA ALA B 98 -37.71 35.16 8.89
C ALA B 98 -37.18 33.74 8.90
N VAL B 99 -38.07 32.75 8.77
CA VAL B 99 -37.63 31.36 8.61
C VAL B 99 -36.72 31.21 7.38
N LEU B 100 -37.15 31.71 6.21
CA LEU B 100 -36.35 31.50 5.00
C LEU B 100 -34.98 32.12 5.11
N LEU B 101 -34.90 33.35 5.60
CA LEU B 101 -33.64 34.08 5.62
C LEU B 101 -32.81 33.86 6.87
N ASP B 102 -33.41 33.49 7.99
CA ASP B 102 -32.65 33.38 9.23
C ASP B 102 -32.39 31.95 9.67
N ILE B 103 -33.32 31.03 9.43
CA ILE B 103 -33.15 29.62 9.74
C ILE B 103 -32.68 28.83 8.51
N ARG B 104 -33.41 28.92 7.40
CA ARG B 104 -33.26 27.98 6.30
C ARG B 104 -32.17 28.37 5.32
N ALA B 105 -32.00 29.65 5.03
CA ALA B 105 -30.91 30.07 4.16
C ALA B 105 -29.53 29.77 4.75
N PRO B 106 -29.23 30.07 6.02
CA PRO B 106 -27.87 29.75 6.54
C PRO B 106 -27.51 28.27 6.49
N ARG B 107 -28.50 27.40 6.67
CA ARG B 107 -28.23 25.98 6.63
C ARG B 107 -27.90 25.56 5.19
N VAL B 108 -28.65 26.06 4.21
CA VAL B 108 -28.37 25.76 2.79
C VAL B 108 -26.96 26.24 2.41
N VAL B 109 -26.65 27.50 2.67
CA VAL B 109 -25.31 27.99 2.33
C VAL B 109 -24.24 27.21 3.10
N LEU B 110 -24.50 26.80 4.35
CA LEU B 110 -23.51 26.00 5.07
C LEU B 110 -23.34 24.63 4.43
N ALA B 111 -24.43 23.99 4.02
CA ALA B 111 -24.32 22.70 3.35
C ALA B 111 -23.50 22.81 2.07
N LEU B 112 -23.70 23.89 1.31
CA LEU B 112 -22.86 24.14 0.12
C LEU B 112 -21.41 24.34 0.51
N LEU B 113 -21.14 25.14 1.56
CA LEU B 113 -19.75 25.29 2.00
C LEU B 113 -19.16 23.95 2.43
N VAL B 114 -19.88 23.18 3.23
CA VAL B 114 -19.33 21.91 3.72
C VAL B 114 -19.04 20.99 2.54
N GLY B 115 -20.06 20.65 1.77
CA GLY B 115 -19.86 19.73 0.66
C GLY B 115 -18.83 20.22 -0.34
N GLY B 116 -18.86 21.51 -0.66
CA GLY B 116 -17.85 22.07 -1.55
C GLY B 116 -16.46 21.99 -0.97
N GLY B 117 -16.33 22.29 0.32
CA GLY B 117 -15.00 22.27 0.94
C GLY B 117 -14.40 20.87 1.03
N PHE B 118 -15.24 19.85 1.27
CA PHE B 118 -14.74 18.48 1.34
C PHE B 118 -14.45 17.91 -0.03
N GLY B 119 -15.26 18.23 -1.05
CA GLY B 119 -14.96 17.72 -2.37
C GLY B 119 -13.63 18.21 -2.89
N ALA B 120 -13.41 19.53 -2.78
CA ALA B 120 -12.19 20.15 -3.30
C ALA B 120 -10.95 19.69 -2.55
N THR B 121 -11.02 19.59 -1.21
CA THR B 121 -9.88 19.09 -0.46
C THR B 121 -9.71 17.57 -0.59
N GLY B 122 -10.79 16.82 -0.83
CA GLY B 122 -10.59 15.44 -1.26
C GLY B 122 -9.83 15.35 -2.57
N ALA B 123 -10.33 16.06 -3.58
CA ALA B 123 -9.62 16.19 -4.85
C ALA B 123 -8.13 16.46 -4.64
N ALA B 124 -7.79 17.42 -3.78
CA ALA B 124 -6.40 17.81 -3.62
C ALA B 124 -5.60 16.77 -2.85
N MET B 125 -6.13 16.27 -1.72
CA MET B 125 -5.43 15.23 -0.95
C MET B 125 -5.12 14.03 -1.83
N GLN B 126 -6.10 13.58 -2.60
CA GLN B 126 -5.88 12.38 -3.39
C GLN B 126 -4.85 12.61 -4.49
N ALA B 127 -4.76 13.82 -5.02
CA ALA B 127 -3.68 14.07 -5.96
C ALA B 127 -2.34 14.14 -5.25
N LEU B 128 -2.31 14.76 -4.08
CA LEU B 128 -1.04 14.94 -3.38
C LEU B 128 -0.47 13.60 -2.93
N PHE B 129 -1.34 12.69 -2.48
CA PHE B 129 -0.96 11.33 -2.06
C PHE B 129 -1.05 10.31 -3.18
N ARG B 130 -1.46 10.73 -4.39
CA ARG B 130 -1.75 9.85 -5.53
CA ARG B 130 -1.65 9.81 -5.50
C ARG B 130 -2.33 8.53 -5.05
N ASN B 131 -3.44 8.68 -4.36
CA ASN B 131 -4.27 7.56 -3.95
C ASN B 131 -5.69 8.07 -3.76
N PRO B 132 -6.68 7.45 -4.41
CA PRO B 132 -8.07 7.92 -4.24
C PRO B 132 -8.56 7.82 -2.81
N LEU B 133 -7.92 7.02 -1.96
CA LEU B 133 -8.40 6.85 -0.59
C LEU B 133 -7.91 7.91 0.37
N ALA B 134 -7.03 8.82 -0.06
CA ALA B 134 -6.59 9.85 0.86
C ALA B 134 -7.77 10.72 1.19
N ASP B 135 -7.90 11.11 2.45
CA ASP B 135 -9.03 11.85 2.97
C ASP B 135 -8.55 13.11 3.70
N PRO B 136 -9.26 14.26 3.53
CA PRO B 136 -8.80 15.55 4.07
C PRO B 136 -8.38 15.52 5.54
N GLY B 137 -8.83 14.48 6.26
CA GLY B 137 -8.55 14.38 7.67
C GLY B 137 -7.15 13.93 8.01
N LEU B 138 -6.46 13.25 7.10
CA LEU B 138 -5.16 12.67 7.39
C LEU B 138 -4.19 13.66 8.05
N VAL B 139 -4.39 14.97 7.84
CA VAL B 139 -3.57 15.96 8.52
C VAL B 139 -3.74 15.90 10.03
N GLY B 140 -4.82 15.28 10.51
CA GLY B 140 -5.17 15.39 11.91
C GLY B 140 -5.99 16.61 12.25
N VAL B 141 -6.55 17.29 11.26
CA VAL B 141 -7.39 18.44 11.56
C VAL B 141 -8.67 18.01 12.24
N SER B 142 -9.21 16.87 11.81
CA SER B 142 -10.46 16.39 12.32
C SER B 142 -10.38 16.01 13.79
N SER B 143 -9.34 15.30 14.20
CA SER B 143 -9.15 14.99 15.61
C SER B 143 -8.96 16.26 16.43
N GLY B 144 -8.03 17.13 16.00
CA GLY B 144 -7.88 18.44 16.63
C GLY B 144 -9.21 19.11 16.92
N ALA B 145 -10.05 19.27 15.91
CA ALA B 145 -11.37 19.88 16.11
C ALA B 145 -12.18 19.12 17.15
N ALA B 146 -12.31 17.81 16.98
CA ALA B 146 -12.90 17.02 18.06
C ALA B 146 -12.26 17.38 19.41
N LEU B 147 -10.93 17.33 19.51
CA LEU B 147 -10.29 17.62 20.80
C LEU B 147 -10.51 19.06 21.22
N GLY B 148 -10.38 20.00 20.29
CA GLY B 148 -10.73 21.38 20.60
C GLY B 148 -12.15 21.51 21.15
N ALA B 149 -13.13 20.97 20.41
CA ALA B 149 -14.52 21.11 20.82
C ALA B 149 -14.80 20.39 22.12
N THR B 150 -14.29 19.18 22.28
CA THR B 150 -14.71 18.42 23.44
C THR B 150 -14.00 18.90 24.71
N THR B 151 -12.79 19.51 24.62
CA THR B 151 -12.26 20.11 25.84
C THR B 151 -13.04 21.34 26.24
N LEU B 152 -13.68 22.02 25.27
CA LEU B 152 -14.47 23.19 25.65
C LEU B 152 -15.79 22.79 26.27
N ILE B 153 -16.53 21.89 25.62
CA ILE B 153 -17.79 21.37 26.15
C ILE B 153 -17.62 20.85 27.59
N VAL B 154 -16.46 20.27 27.90
CA VAL B 154 -16.27 19.56 29.15
C VAL B 154 -15.54 20.38 30.20
N LEU B 155 -14.79 21.41 29.81
CA LEU B 155 -14.18 22.30 30.78
C LEU B 155 -14.82 23.70 30.68
N GLY B 156 -14.40 24.61 31.56
CA GLY B 156 -15.03 25.92 31.62
C GLY B 156 -15.78 26.24 32.91
N HIS B 163 -17.55 27.65 29.81
CA HIS B 163 -16.74 28.85 30.07
C HIS B 163 -17.34 30.09 29.42
N ALA B 164 -16.93 30.33 28.18
CA ALA B 164 -17.50 31.39 27.36
C ALA B 164 -18.55 30.78 26.43
N SER B 165 -19.02 31.56 25.46
CA SER B 165 -20.14 31.18 24.60
C SER B 165 -20.32 32.25 23.50
N ALA B 166 -21.00 31.93 22.40
CA ALA B 166 -21.50 30.59 22.06
C ALA B 166 -20.90 30.18 20.74
N ALA B 167 -20.39 31.18 20.03
CA ALA B 167 -19.44 30.95 18.94
C ALA B 167 -18.06 30.60 19.45
N ALA B 168 -17.92 30.29 20.75
CA ALA B 168 -16.68 29.73 21.28
C ALA B 168 -16.47 28.27 20.84
N LEU B 169 -17.54 27.52 20.60
CA LEU B 169 -17.37 26.13 20.15
C LEU B 169 -16.62 26.02 18.83
N PRO B 170 -16.95 26.78 17.76
CA PRO B 170 -16.15 26.65 16.53
C PRO B 170 -14.73 27.21 16.66
N VAL B 171 -14.48 28.17 17.54
CA VAL B 171 -13.12 28.68 17.68
C VAL B 171 -12.23 27.64 18.36
N ALA B 172 -12.71 27.01 19.43
CA ALA B 172 -11.93 25.94 20.05
C ALA B 172 -11.69 24.81 19.07
N ALA B 173 -12.77 24.33 18.43
CA ALA B 173 -12.67 23.33 17.38
C ALA B 173 -11.71 23.77 16.29
N PHE B 174 -11.71 25.06 15.93
CA PHE B 174 -10.81 25.53 14.88
C PHE B 174 -9.35 25.55 15.36
N ALA B 175 -9.09 26.13 16.53
CA ALA B 175 -7.72 26.16 17.03
C ALA B 175 -7.21 24.76 17.34
N GLY B 176 -8.11 23.84 17.72
CA GLY B 176 -7.67 22.49 18.02
C GLY B 176 -7.24 21.76 16.77
N GLY B 177 -8.06 21.81 15.72
CA GLY B 177 -7.68 21.24 14.45
C GLY B 177 -6.31 21.71 13.96
N LEU B 178 -6.16 23.02 13.71
CA LEU B 178 -4.91 23.57 13.20
C LEU B 178 -3.71 23.22 14.07
N ALA B 179 -3.89 23.23 15.40
CA ALA B 179 -2.76 22.92 16.27
C ALA B 179 -2.38 21.46 16.14
N VAL B 180 -3.38 20.57 16.17
CA VAL B 180 -3.05 19.18 15.97
C VAL B 180 -2.55 18.96 14.55
N ALA B 181 -3.14 19.65 13.59
CA ALA B 181 -2.60 19.59 12.23
C ALA B 181 -1.13 19.96 12.23
N ALA B 182 -0.83 21.15 12.75
CA ALA B 182 0.54 21.63 12.76
C ALA B 182 1.47 20.68 13.50
N LEU B 183 1.04 20.16 14.66
CA LEU B 183 1.87 19.22 15.39
C LEU B 183 2.16 17.98 14.55
N VAL B 184 1.14 17.43 13.88
CA VAL B 184 1.32 16.23 13.07
C VAL B 184 2.27 16.50 11.93
N TYR B 185 2.17 17.69 11.35
CA TYR B 185 3.15 18.08 10.34
C TYR B 185 4.54 18.14 10.94
N ARG B 186 4.72 18.89 12.02
CA ARG B 186 6.06 19.08 12.55
C ARG B 186 6.70 17.74 12.92
N LEU B 187 5.91 16.79 13.43
CA LEU B 187 6.49 15.49 13.79
C LEU B 187 6.96 14.73 12.56
N ALA B 188 6.33 14.93 11.41
CA ALA B 188 6.75 14.19 10.22
C ALA B 188 7.88 14.87 9.46
N ALA B 189 7.85 16.18 9.30
CA ALA B 189 8.88 16.90 8.57
C ALA B 189 10.22 16.90 9.32
N SER B 190 11.30 17.18 8.58
CA SER B 190 12.66 17.17 9.12
C SER B 190 13.44 18.43 8.76
N ARG B 191 12.77 19.51 8.41
CA ARG B 191 13.41 20.81 8.10
C ARG B 191 14.49 20.71 7.02
N GLY B 192 14.09 20.58 5.76
CA GLY B 192 12.69 20.62 5.38
C GLY B 192 12.35 19.65 4.26
N ARG B 193 11.99 18.42 4.63
CA ARG B 193 11.57 17.40 3.68
C ARG B 193 10.46 16.59 4.35
N LEU B 194 9.32 16.49 3.67
CA LEU B 194 8.14 15.82 4.22
C LEU B 194 7.86 14.56 3.42
N ALA B 195 8.08 13.40 4.03
CA ALA B 195 7.68 12.13 3.42
C ALA B 195 6.22 11.82 3.78
N LEU B 196 5.45 11.39 2.81
CA LEU B 196 4.03 11.14 3.09
C LEU B 196 3.83 9.86 3.88
N PRO B 197 4.69 8.84 3.79
CA PRO B 197 4.56 7.74 4.79
C PRO B 197 4.70 8.23 6.22
N LEU B 198 5.79 8.97 6.51
CA LEU B 198 6.01 9.55 7.84
C LEU B 198 4.87 10.50 8.26
N LEU B 199 4.17 11.11 7.31
CA LEU B 199 3.04 11.92 7.71
C LEU B 199 1.98 11.04 8.32
N LEU B 200 1.75 9.86 7.71
CA LEU B 200 0.72 8.95 8.19
C LEU B 200 1.04 8.42 9.59
N LEU B 201 2.30 8.00 9.80
CA LEU B 201 2.70 7.52 11.12
C LEU B 201 2.53 8.61 12.18
N ALA B 202 3.05 9.81 11.89
CA ALA B 202 2.79 10.92 12.79
C ALA B 202 1.29 11.09 13.04
N GLY B 203 0.48 10.88 12.01
CA GLY B 203 -0.96 10.98 12.21
C GLY B 203 -1.50 9.88 13.08
N ILE B 204 -1.16 8.63 12.78
CA ILE B 204 -1.62 7.52 13.62
C ILE B 204 -1.28 7.80 15.06
N ALA B 205 -0.06 8.31 15.30
CA ALA B 205 0.40 8.48 16.66
C ALA B 205 -0.32 9.64 17.33
N ILE B 206 -0.46 10.76 16.63
CA ILE B 206 -1.06 11.88 17.34
C ILE B 206 -2.53 11.63 17.53
N ASN B 207 -3.18 10.93 16.58
CA ASN B 207 -4.57 10.60 16.77
C ASN B 207 -4.77 9.63 17.94
N ALA B 208 -3.80 8.75 18.19
CA ALA B 208 -3.80 7.97 19.42
C ALA B 208 -3.84 8.88 20.64
N LEU B 209 -2.82 9.74 20.77
CA LEU B 209 -2.74 10.69 21.87
C LEU B 209 -4.02 11.54 21.98
N VAL B 210 -4.44 12.14 20.87
CA VAL B 210 -5.66 12.96 20.85
C VAL B 210 -6.82 12.14 21.35
N GLY B 211 -6.98 10.94 20.81
CA GLY B 211 -8.17 10.16 21.13
C GLY B 211 -8.25 9.85 22.61
N ALA B 212 -7.09 9.70 23.25
CA ALA B 212 -7.08 9.45 24.68
C ALA B 212 -7.53 10.68 25.45
N ALA B 213 -6.99 11.84 25.08
CA ALA B 213 -7.45 13.05 25.72
C ALA B 213 -8.95 13.23 25.53
N ILE B 214 -9.49 12.87 24.35
CA ILE B 214 -10.93 12.94 24.14
C ILE B 214 -11.64 11.90 25.01
N GLY B 215 -11.03 10.72 25.15
CA GLY B 215 -11.65 9.69 25.97
C GLY B 215 -11.70 10.09 27.42
N LEU B 216 -10.66 10.80 27.88
CA LEU B 216 -10.60 11.20 29.28
C LEU B 216 -11.63 12.26 29.61
N LEU B 217 -11.79 13.22 28.70
CA LEU B 217 -12.85 14.21 28.84
C LEU B 217 -14.22 13.57 28.82
N THR B 218 -14.50 12.73 27.80
CA THR B 218 -15.79 12.04 27.78
C THR B 218 -16.05 11.30 29.08
N PHE B 219 -15.00 10.76 29.70
CA PHE B 219 -15.14 10.00 30.95
C PHE B 219 -15.58 10.89 32.10
N VAL B 220 -14.86 11.98 32.34
CA VAL B 220 -15.20 12.89 33.44
C VAL B 220 -16.34 13.82 33.10
N ALA B 221 -16.94 13.68 31.93
CA ALA B 221 -18.07 14.51 31.56
C ALA B 221 -19.32 14.03 32.27
N ASP B 222 -20.27 14.96 32.44
CA ASP B 222 -21.58 14.68 33.00
C ASP B 222 -22.57 14.45 31.88
N ASP B 223 -23.83 14.26 32.24
CA ASP B 223 -24.81 13.82 31.26
C ASP B 223 -25.14 14.91 30.24
N ALA B 224 -25.12 16.17 30.67
CA ALA B 224 -25.32 17.25 29.71
C ALA B 224 -24.15 17.31 28.77
N GLN B 225 -22.93 17.32 29.32
CA GLN B 225 -21.73 17.42 28.50
C GLN B 225 -21.60 16.21 27.57
N LEU B 226 -22.02 15.04 28.02
CA LEU B 226 -22.01 13.89 27.15
C LEU B 226 -22.96 14.08 25.97
N ARG B 227 -24.16 14.58 26.26
CA ARG B 227 -25.12 14.86 25.20
C ARG B 227 -24.51 15.77 24.13
N SER B 228 -23.65 16.71 24.56
CA SER B 228 -23.09 17.69 23.62
C SER B 228 -21.98 17.09 22.75
N LEU B 229 -20.95 16.47 23.35
CA LEU B 229 -19.96 15.74 22.55
C LEU B 229 -20.60 14.79 21.57
N THR B 230 -21.43 13.88 22.09
CA THR B 230 -21.97 12.84 21.26
C THR B 230 -22.62 13.41 20.02
N PHE B 231 -23.37 14.48 20.18
CA PHE B 231 -24.01 15.05 19.01
C PHE B 231 -23.07 15.95 18.20
N TRP B 232 -22.16 16.68 18.86
CA TRP B 232 -21.18 17.48 18.13
C TRP B 232 -20.37 16.63 17.16
N SER B 233 -19.92 15.47 17.61
CA SER B 233 -19.15 14.62 16.74
C SER B 233 -20.01 13.90 15.72
N LEU B 234 -21.33 13.84 15.92
CA LEU B 234 -22.15 13.18 14.93
C LEU B 234 -22.41 14.04 13.68
N GLY B 235 -22.08 15.33 13.69
CA GLY B 235 -22.39 16.19 12.54
C GLY B 235 -23.75 16.87 12.62
N SER B 236 -23.80 18.16 12.32
CA SER B 236 -25.08 18.82 12.23
C SER B 236 -24.90 20.17 11.57
N LEU B 237 -25.96 20.65 10.94
CA LEU B 237 -26.03 22.02 10.46
C LEU B 237 -27.14 22.80 11.15
N GLY B 238 -27.81 22.20 12.15
CA GLY B 238 -28.85 22.93 12.88
C GLY B 238 -28.40 24.24 13.47
N GLY B 239 -27.11 24.35 13.82
CA GLY B 239 -26.62 25.59 14.40
C GLY B 239 -26.79 26.79 13.48
N ALA B 240 -26.58 26.57 12.18
CA ALA B 240 -26.17 27.59 11.23
C ALA B 240 -26.91 28.91 11.37
N GLN B 241 -26.15 29.98 11.58
CA GLN B 241 -26.66 31.33 11.44
C GLN B 241 -25.63 32.15 10.68
N TRP B 242 -26.04 33.36 10.28
CA TRP B 242 -25.18 34.18 9.42
C TRP B 242 -23.85 34.58 10.06
N PRO B 243 -23.79 35.02 11.33
CA PRO B 243 -22.47 35.39 11.88
C PRO B 243 -21.46 34.25 11.89
N THR B 244 -21.90 33.02 12.21
CA THR B 244 -21.05 31.83 12.09
C THR B 244 -20.37 31.81 10.74
N LEU B 245 -21.16 31.54 9.70
CA LEU B 245 -20.58 31.31 8.39
C LEU B 245 -20.09 32.59 7.73
N ALA B 246 -20.31 33.73 8.37
CA ALA B 246 -19.56 34.94 8.03
C ALA B 246 -18.06 34.71 8.19
N ALA B 247 -17.68 33.97 9.23
CA ALA B 247 -16.29 33.65 9.52
C ALA B 247 -15.84 32.45 8.70
N VAL B 248 -16.61 31.36 8.75
CA VAL B 248 -16.16 30.12 8.12
C VAL B 248 -15.95 30.32 6.63
N ALA B 249 -16.92 30.95 5.95
CA ALA B 249 -16.90 31.04 4.49
C ALA B 249 -15.59 31.61 3.94
N PRO B 250 -15.08 32.76 4.42
CA PRO B 250 -13.79 33.24 3.89
C PRO B 250 -12.65 32.29 4.20
N CYS B 251 -12.70 31.62 5.35
CA CYS B 251 -11.68 30.61 5.66
C CYS B 251 -11.61 29.53 4.59
N VAL B 252 -12.75 28.97 4.19
CA VAL B 252 -12.76 27.98 3.13
C VAL B 252 -12.75 28.61 1.74
N ALA B 253 -13.22 29.84 1.60
CA ALA B 253 -12.98 30.55 0.35
C ALA B 253 -11.48 30.64 0.05
N LEU B 254 -10.67 30.98 1.06
CA LEU B 254 -9.22 31.10 0.88
C LEU B 254 -8.61 29.75 0.51
N GLY B 255 -8.83 28.74 1.36
CA GLY B 255 -8.30 27.42 1.09
C GLY B 255 -8.50 26.99 -0.34
N GLY B 256 -9.72 27.15 -0.85
CA GLY B 256 -10.00 26.77 -2.22
C GLY B 256 -9.19 27.56 -3.23
N VAL B 257 -8.80 28.79 -2.89
CA VAL B 257 -7.97 29.57 -3.80
C VAL B 257 -6.55 29.04 -3.82
N LEU B 258 -5.98 28.77 -2.65
CA LEU B 258 -4.67 28.14 -2.62
C LEU B 258 -4.64 26.82 -3.41
N LEU B 259 -5.72 26.03 -3.33
CA LEU B 259 -5.76 24.74 -4.01
C LEU B 259 -5.87 24.90 -5.53
N VAL B 260 -6.80 25.76 -5.98
CA VAL B 260 -6.85 25.97 -7.41
C VAL B 260 -5.52 26.56 -7.89
N ARG B 261 -4.85 27.37 -7.06
CA ARG B 261 -3.59 27.93 -7.49
C ARG B 261 -2.49 26.88 -7.66
N GLU B 262 -2.75 25.62 -7.31
CA GLU B 262 -1.74 24.58 -7.38
C GLU B 262 -2.14 23.45 -8.32
N ARG B 263 -3.13 23.65 -9.17
CA ARG B 263 -3.73 22.51 -9.85
C ARG B 263 -2.77 21.93 -10.88
N ASP B 264 -2.00 22.78 -11.56
CA ASP B 264 -1.09 22.28 -12.60
C ASP B 264 0.08 21.52 -11.97
N ALA B 265 0.66 22.07 -10.91
CA ALA B 265 1.67 21.33 -10.15
C ALA B 265 1.13 20.03 -9.58
N LEU B 266 -0.17 20.00 -9.22
CA LEU B 266 -0.78 18.77 -8.75
C LEU B 266 -0.83 17.71 -9.84
N ASN B 267 -1.11 18.12 -11.08
CA ASN B 267 -1.17 17.15 -12.18
C ASN B 267 0.19 16.52 -12.44
N ALA B 268 1.23 17.35 -12.53
CA ALA B 268 2.59 16.80 -12.65
C ALA B 268 2.87 15.83 -11.51
N LEU B 269 2.48 16.20 -10.28
CA LEU B 269 2.77 15.34 -9.14
C LEU B 269 2.15 13.97 -9.29
N GLN B 270 0.93 13.89 -9.82
CA GLN B 270 0.27 12.59 -9.96
C GLN B 270 0.98 11.71 -10.97
N LEU B 271 2.09 12.19 -11.51
CA LEU B 271 2.83 11.40 -12.47
C LEU B 271 4.02 10.71 -11.84
N GLY B 272 4.31 11.01 -10.60
CA GLY B 272 5.58 10.62 -10.03
C GLY B 272 6.11 11.74 -9.18
N GLU B 273 6.45 11.43 -7.93
CA GLU B 273 7.17 12.43 -7.16
C GLU B 273 8.51 12.77 -7.84
N THR B 274 9.28 11.75 -8.23
CA THR B 274 10.56 12.03 -8.88
C THR B 274 10.33 12.63 -10.27
N GLU B 275 9.29 12.16 -10.96
CA GLU B 275 8.94 12.72 -12.25
C GLU B 275 8.54 14.19 -12.15
N ALA B 276 7.71 14.54 -11.15
CA ALA B 276 7.35 15.95 -11.01
C ALA B 276 8.57 16.78 -10.73
N LEU B 277 9.46 16.28 -9.88
CA LEU B 277 10.70 16.98 -9.50
C LEU B 277 11.56 17.29 -10.72
N HIS B 278 11.64 16.33 -11.66
CA HIS B 278 12.41 16.55 -12.88
C HIS B 278 11.79 17.61 -13.80
N LEU B 279 10.44 17.77 -13.76
CA LEU B 279 9.75 18.83 -14.52
C LEU B 279 9.82 20.22 -13.88
N GLY B 280 10.45 20.37 -12.72
CA GLY B 280 10.55 21.67 -12.06
C GLY B 280 9.59 21.96 -10.91
N VAL B 281 8.74 21.01 -10.52
CA VAL B 281 7.81 21.25 -9.40
C VAL B 281 8.59 21.24 -8.10
N PRO B 282 8.41 22.25 -7.22
CA PRO B 282 8.94 22.12 -5.85
C PRO B 282 8.10 21.17 -5.04
N VAL B 283 8.44 19.88 -5.08
CA VAL B 283 7.55 18.88 -4.52
C VAL B 283 7.39 19.05 -3.02
N GLN B 284 8.44 19.54 -2.36
CA GLN B 284 8.41 19.80 -0.92
C GLN B 284 7.56 21.02 -0.61
N ARG B 285 7.81 22.12 -1.31
CA ARG B 285 7.04 23.33 -1.08
CA ARG B 285 7.04 23.34 -1.11
C ARG B 285 5.56 23.12 -1.43
N LEU B 286 5.23 22.23 -2.36
CA LEU B 286 3.84 22.02 -2.72
C LEU B 286 3.09 21.15 -1.72
N LYS B 287 3.72 20.09 -1.20
CA LYS B 287 3.12 19.31 -0.12
C LYS B 287 2.73 20.21 1.05
N ARG B 288 3.62 21.15 1.40
CA ARG B 288 3.36 22.03 2.53
C ARG B 288 2.27 23.03 2.19
N ARG B 289 2.21 23.41 0.92
CA ARG B 289 1.20 24.34 0.44
C ARG B 289 -0.17 23.69 0.38
N VAL B 290 -0.27 22.46 -0.14
CA VAL B 290 -1.56 21.78 -0.22
C VAL B 290 -2.06 21.44 1.17
N LEU B 291 -1.14 21.04 2.05
CA LEU B 291 -1.54 20.60 3.37
C LEU B 291 -2.09 21.77 4.19
N VAL B 292 -1.45 22.93 4.11
CA VAL B 292 -1.97 24.10 4.82
C VAL B 292 -3.36 24.45 4.31
N ALA B 293 -3.50 24.61 3.00
CA ALA B 293 -4.80 24.97 2.44
C ALA B 293 -5.87 23.99 2.89
N VAL B 294 -5.55 22.68 2.91
CA VAL B 294 -6.56 21.71 3.34
C VAL B 294 -6.89 21.91 4.80
N ALA B 295 -5.86 21.94 5.67
CA ALA B 295 -6.08 22.04 7.11
C ALA B 295 -6.88 23.28 7.44
N LEU B 296 -6.87 24.26 6.54
CA LEU B 296 -7.49 25.56 6.71
C LEU B 296 -8.98 25.54 6.37
N ALA B 297 -9.35 25.04 5.19
CA ALA B 297 -10.77 24.97 4.87
C ALA B 297 -11.47 23.85 5.64
N VAL B 298 -10.85 22.66 5.68
CA VAL B 298 -11.46 21.59 6.46
C VAL B 298 -11.50 21.94 7.94
N GLY B 299 -10.55 22.73 8.43
CA GLY B 299 -10.60 23.11 9.84
C GLY B 299 -11.80 24.00 10.14
N ALA B 300 -11.96 25.06 9.34
CA ALA B 300 -13.11 25.94 9.50
C ALA B 300 -14.41 25.16 9.35
N LEU B 301 -14.45 24.20 8.42
CA LEU B 301 -15.68 23.47 8.17
C LEU B 301 -16.08 22.62 9.37
N VAL B 302 -15.20 21.72 9.80
CA VAL B 302 -15.60 20.80 10.83
C VAL B 302 -15.83 21.52 12.14
N SER B 303 -15.25 22.70 12.29
CA SER B 303 -15.43 23.50 13.51
C SER B 303 -16.88 23.91 13.74
N CYS B 304 -17.71 23.90 12.71
CA CYS B 304 -19.09 24.32 12.93
C CYS B 304 -20.09 23.38 12.27
N ALA B 305 -19.65 22.22 11.83
CA ALA B 305 -20.54 21.19 11.31
C ALA B 305 -20.36 19.86 12.00
N GLY B 306 -19.39 19.75 12.91
CA GLY B 306 -18.98 18.47 13.40
C GLY B 306 -18.34 17.61 12.32
N ILE B 307 -18.22 16.33 12.62
CA ILE B 307 -17.47 15.39 11.81
C ILE B 307 -18.39 14.80 10.76
N ILE B 308 -18.00 14.98 9.50
CA ILE B 308 -18.67 14.43 8.31
C ILE B 308 -17.50 14.11 7.40
N GLY B 309 -17.46 12.98 6.68
CA GLY B 309 -18.43 11.93 6.63
C GLY B 309 -18.56 11.42 5.18
N PHE B 310 -17.50 10.91 4.56
CA PHE B 310 -17.48 10.25 3.23
C PHE B 310 -17.57 11.17 1.98
N ILE B 311 -17.99 12.45 2.11
CA ILE B 311 -18.13 13.31 0.93
C ILE B 311 -16.79 13.58 0.24
N GLY B 312 -15.74 13.86 1.02
CA GLY B 312 -14.40 14.10 0.45
C GLY B 312 -13.80 12.93 -0.31
N LEU B 313 -14.34 11.73 -0.11
CA LEU B 313 -13.95 10.56 -0.88
C LEU B 313 -14.83 10.36 -2.11
N VAL B 314 -16.13 10.54 -1.95
CA VAL B 314 -17.11 10.12 -2.96
C VAL B 314 -17.10 11.08 -4.15
N ALA B 315 -17.17 12.39 -3.87
CA ALA B 315 -17.36 13.33 -4.98
C ALA B 315 -16.15 13.33 -5.91
N PRO B 316 -14.90 13.46 -5.42
CA PRO B 316 -13.79 13.41 -6.37
C PRO B 316 -13.73 12.11 -7.15
N HIS B 317 -14.09 10.99 -6.53
CA HIS B 317 -13.97 9.74 -7.26
C HIS B 317 -14.99 9.65 -8.39
N CYS B 318 -16.17 10.23 -8.21
CA CYS B 318 -17.12 10.28 -9.30
C CYS B 318 -16.62 11.20 -10.40
N VAL B 319 -16.16 12.40 -10.05
CA VAL B 319 -15.75 13.25 -11.18
C VAL B 319 -14.51 12.65 -11.85
N ARG B 320 -13.67 11.95 -11.09
CA ARG B 320 -12.50 11.33 -11.70
C ARG B 320 -12.91 10.20 -12.63
N LEU B 321 -13.97 9.47 -12.27
CA LEU B 321 -14.53 8.45 -13.16
C LEU B 321 -15.26 9.07 -14.32
N ALA B 322 -15.84 10.25 -14.11
CA ALA B 322 -16.59 10.90 -15.17
C ALA B 322 -15.68 11.63 -16.15
N CYS B 323 -14.56 12.19 -15.69
CA CYS B 323 -13.80 13.15 -16.47
C CYS B 323 -12.30 12.92 -16.44
N GLY B 324 -11.84 11.86 -15.80
CA GLY B 324 -10.44 11.62 -15.72
C GLY B 324 -9.87 12.41 -14.58
N PRO B 325 -8.55 12.28 -14.36
CA PRO B 325 -7.96 12.80 -13.12
C PRO B 325 -7.46 14.22 -13.18
N ASP B 326 -7.51 14.87 -14.34
CA ASP B 326 -6.93 16.21 -14.47
C ASP B 326 -7.44 17.13 -13.35
N GLN B 327 -6.52 17.64 -12.55
CA GLN B 327 -6.87 18.46 -11.40
C GLN B 327 -7.65 19.71 -11.78
N ARG B 328 -7.48 20.17 -13.03
CA ARG B 328 -8.17 21.38 -13.49
C ARG B 328 -9.68 21.18 -13.56
N ILE B 329 -10.11 19.96 -13.87
CA ILE B 329 -11.53 19.61 -13.84
C ILE B 329 -11.92 19.04 -12.50
N VAL B 330 -11.09 18.19 -11.88
CA VAL B 330 -11.58 17.41 -10.74
C VAL B 330 -11.88 18.28 -9.53
N LEU B 331 -11.04 19.30 -9.26
CA LEU B 331 -11.29 20.12 -8.07
C LEU B 331 -12.62 20.88 -8.18
N PRO B 332 -12.87 21.67 -9.23
CA PRO B 332 -14.22 22.26 -9.35
C PRO B 332 -15.30 21.21 -9.42
N GLY B 333 -15.14 20.22 -10.29
CA GLY B 333 -16.08 19.11 -10.34
C GLY B 333 -16.41 18.53 -8.97
N ALA B 334 -15.36 18.17 -8.20
CA ALA B 334 -15.58 17.62 -6.86
C ALA B 334 -16.27 18.63 -5.95
N ALA B 335 -15.72 19.84 -5.84
CA ALA B 335 -16.35 20.86 -5.02
C ALA B 335 -17.81 21.02 -5.38
N LEU B 336 -18.11 21.02 -6.67
CA LEU B 336 -19.48 21.12 -7.18
C LEU B 336 -20.31 19.92 -6.75
N LEU B 337 -19.87 18.71 -7.12
CA LEU B 337 -20.63 17.51 -6.78
C LEU B 337 -20.69 17.28 -5.28
N GLY B 338 -19.61 17.62 -4.57
CA GLY B 338 -19.62 17.60 -3.12
C GLY B 338 -20.74 18.44 -2.57
N ALA B 339 -20.76 19.74 -2.91
CA ALA B 339 -21.81 20.61 -2.41
C ALA B 339 -23.20 20.09 -2.78
N LEU B 340 -23.33 19.52 -3.98
CA LEU B 340 -24.60 18.96 -4.41
C LEU B 340 -25.02 17.76 -3.56
N LEU B 341 -24.10 16.81 -3.36
CA LEU B 341 -24.46 15.63 -2.55
C LEU B 341 -24.77 15.98 -1.10
N THR B 342 -24.09 16.98 -0.53
CA THR B 342 -24.29 17.30 0.89
C THR B 342 -25.64 17.99 1.11
N LEU B 343 -25.91 19.03 0.32
CA LEU B 343 -27.23 19.65 0.33
C LEU B 343 -28.33 18.59 0.25
N ALA B 344 -28.22 17.68 -0.73
CA ALA B 344 -29.16 16.59 -0.85
C ALA B 344 -29.23 15.77 0.45
N ALA B 345 -28.07 15.41 1.00
CA ALA B 345 -28.05 14.68 2.26
C ALA B 345 -28.70 15.49 3.37
N ASP B 346 -28.29 16.76 3.51
CA ASP B 346 -28.77 17.57 4.63
C ASP B 346 -30.25 17.90 4.51
N LEU B 347 -30.74 18.03 3.27
CA LEU B 347 -32.17 18.11 3.05
C LEU B 347 -32.88 16.88 3.61
N ALA B 348 -32.40 15.68 3.28
CA ALA B 348 -33.05 14.48 3.77
C ALA B 348 -33.02 14.41 5.30
N ALA B 349 -31.94 14.89 5.93
CA ALA B 349 -31.87 14.86 7.39
C ALA B 349 -32.92 15.76 8.06
N ARG B 350 -33.21 16.93 7.44
CA ARG B 350 -34.17 17.89 7.98
C ARG B 350 -35.59 17.39 7.89
N THR B 351 -35.88 16.53 6.93
CA THR B 351 -37.26 16.26 6.56
C THR B 351 -37.65 14.78 6.60
N VAL B 352 -36.72 13.83 6.47
CA VAL B 352 -37.08 12.40 6.48
C VAL B 352 -37.79 11.98 7.76
N ALA B 353 -37.50 12.61 8.90
CA ALA B 353 -38.09 12.18 10.17
C ALA B 353 -38.55 13.37 10.99
N ALA B 354 -39.11 14.37 10.33
CA ALA B 354 -39.31 15.68 10.97
C ALA B 354 -40.48 15.58 11.93
N PRO B 355 -40.37 16.24 13.11
CA PRO B 355 -39.36 17.27 13.41
C PRO B 355 -38.00 16.81 13.96
N ALA B 356 -37.67 15.54 13.85
CA ALA B 356 -36.33 15.14 14.22
C ALA B 356 -35.34 15.68 13.21
N ASP B 357 -34.22 16.10 13.71
CA ASP B 357 -33.13 16.57 12.88
C ASP B 357 -32.00 15.51 12.96
N ILE B 358 -31.95 14.62 11.97
CA ILE B 358 -30.95 13.52 12.00
C ILE B 358 -29.55 14.10 11.83
N PRO B 359 -28.60 13.67 12.66
CA PRO B 359 -27.19 14.04 12.40
C PRO B 359 -26.84 13.77 10.95
N LEU B 360 -26.07 14.65 10.32
CA LEU B 360 -25.85 14.38 8.91
C LEU B 360 -24.68 13.45 8.69
N GLY B 361 -23.82 13.29 9.69
CA GLY B 361 -22.89 12.18 9.66
C GLY B 361 -23.58 10.88 9.33
N VAL B 362 -24.81 10.71 9.84
CA VAL B 362 -25.55 9.48 9.59
C VAL B 362 -25.90 9.34 8.12
N LEU B 363 -26.37 10.42 7.50
CA LEU B 363 -26.82 10.33 6.12
C LEU B 363 -25.65 10.20 5.17
N THR B 364 -24.60 10.99 5.37
CA THR B 364 -23.46 10.87 4.46
C THR B 364 -22.78 9.53 4.58
N ALA B 365 -22.94 8.80 5.69
CA ALA B 365 -22.46 7.42 5.69
C ALA B 365 -23.37 6.51 4.86
N LEU B 366 -24.69 6.74 4.89
CA LEU B 366 -25.60 5.95 4.08
C LEU B 366 -25.37 6.27 2.60
N LEU B 367 -24.48 7.22 2.34
CA LEU B 367 -23.99 7.44 0.98
C LEU B 367 -22.74 6.65 0.71
N GLY B 368 -21.75 6.72 1.62
CA GLY B 368 -20.50 5.99 1.42
C GLY B 368 -20.70 4.49 1.36
N ALA B 369 -21.74 3.98 2.03
CA ALA B 369 -21.93 2.54 2.07
C ALA B 369 -22.20 1.96 0.68
N PRO B 370 -23.20 2.39 -0.08
CA PRO B 370 -23.34 1.84 -1.43
C PRO B 370 -22.22 2.25 -2.36
N PHE B 371 -21.59 3.41 -2.17
CA PHE B 371 -20.45 3.78 -3.00
C PHE B 371 -19.31 2.78 -2.87
N PHE B 372 -18.86 2.52 -1.64
CA PHE B 372 -17.81 1.53 -1.44
C PHE B 372 -18.28 0.13 -1.80
N LEU B 373 -19.54 -0.18 -1.53
CA LEU B 373 -20.09 -1.44 -1.96
C LEU B 373 -20.12 -1.52 -3.48
N ALA B 374 -20.27 -0.36 -4.15
CA ALA B 374 -20.31 -0.35 -5.61
C ALA B 374 -18.93 -0.59 -6.18
N LEU B 375 -17.93 0.16 -5.72
CA LEU B 375 -16.60 -0.04 -6.28
C LEU B 375 -15.91 -1.29 -5.74
N LEU B 376 -16.53 -1.97 -4.78
CA LEU B 376 -16.23 -3.38 -4.54
C LEU B 376 -16.61 -4.20 -5.77
N TRP B 377 -17.92 -4.42 -5.92
CA TRP B 377 -18.58 -4.95 -7.11
C TRP B 377 -17.88 -4.53 -8.39
N LYS B 378 -17.35 -3.31 -8.44
CA LYS B 378 -16.64 -2.87 -9.64
C LYS B 378 -15.34 -3.64 -9.82
N ASN B 379 -14.57 -3.80 -8.75
CA ASN B 379 -13.18 -4.23 -8.87
C ASN B 379 -12.98 -5.67 -8.41
N ARG B 380 -13.97 -6.53 -8.67
CA ARG B 380 -13.84 -7.94 -8.33
C ARG B 380 -12.73 -8.63 -9.13
N GLY B 381 -12.38 -8.12 -10.31
CA GLY B 381 -11.37 -8.76 -11.15
C GLY B 381 -9.91 -8.56 -10.75
N MET C 1 29.09 21.04 -22.22
CA MET C 1 28.88 19.63 -21.91
C MET C 1 28.34 19.41 -20.51
N LEU C 2 27.76 18.23 -20.28
CA LEU C 2 27.36 17.77 -18.97
C LEU C 2 28.48 16.91 -18.38
N THR C 3 29.05 17.35 -17.27
CA THR C 3 30.35 16.87 -16.85
C THR C 3 30.43 16.70 -15.34
N ALA C 4 30.92 15.55 -14.90
CA ALA C 4 31.40 15.35 -13.54
C ALA C 4 32.94 15.34 -13.55
N HIS C 5 33.56 16.17 -12.70
CA HIS C 5 35.01 16.19 -12.57
C HIS C 5 35.34 15.95 -11.11
N HIS C 6 36.00 14.83 -10.83
CA HIS C 6 36.44 14.51 -9.48
C HIS C 6 35.26 14.48 -8.52
N LEU C 7 34.21 13.77 -8.93
CA LEU C 7 32.97 13.71 -8.18
C LEU C 7 33.05 12.66 -7.07
N ASP C 8 32.55 13.03 -5.89
CA ASP C 8 32.32 12.11 -4.79
C ASP C 8 30.88 12.27 -4.36
N VAL C 9 30.22 11.15 -4.07
CA VAL C 9 28.85 11.18 -3.54
C VAL C 9 28.78 10.18 -2.40
N ALA C 10 28.13 10.60 -1.30
CA ALA C 10 28.02 9.84 -0.06
C ALA C 10 26.63 9.98 0.58
N HIS C 13 25.51 3.76 4.45
CA HIS C 13 25.99 5.07 4.02
C HIS C 13 27.50 5.25 4.24
N GLY C 14 28.25 4.95 3.19
CA GLY C 14 29.61 5.43 3.04
C GLY C 14 29.66 6.27 1.78
N THR C 15 30.74 6.15 0.99
CA THR C 15 30.75 6.74 -0.34
C THR C 15 30.28 5.71 -1.36
N ILE C 16 29.27 6.09 -2.14
CA ILE C 16 28.84 5.26 -3.27
C ILE C 16 29.55 5.65 -4.58
N LEU C 17 29.96 6.92 -4.73
CA LEU C 17 30.72 7.38 -5.88
C LEU C 17 32.01 8.03 -5.41
N ARG C 18 33.13 7.53 -5.93
CA ARG C 18 34.46 7.90 -5.45
C ARG C 18 35.27 8.40 -6.63
N ASP C 19 35.71 9.66 -6.56
CA ASP C 19 36.56 10.27 -7.60
C ASP C 19 36.09 9.86 -8.99
N LEU C 20 34.91 10.32 -9.36
CA LEU C 20 34.33 9.94 -10.64
C LEU C 20 34.37 11.13 -11.58
N SER C 21 34.90 10.91 -12.79
CA SER C 21 35.01 11.93 -13.81
C SER C 21 34.46 11.40 -15.12
N LEU C 22 33.33 11.96 -15.57
CA LEU C 22 32.70 11.58 -16.82
C LEU C 22 32.02 12.79 -17.46
N SER C 23 32.04 12.84 -18.79
CA SER C 23 31.44 13.95 -19.53
C SER C 23 30.53 13.42 -20.63
N ILE C 24 29.34 14.02 -20.71
CA ILE C 24 28.29 13.68 -21.67
C ILE C 24 28.38 14.69 -22.80
N GLU C 25 28.66 14.25 -23.98
CA GLU C 25 28.90 15.21 -25.05
C GLU C 25 27.65 15.43 -25.88
N PRO C 26 27.26 16.69 -26.14
CA PRO C 26 26.14 16.97 -27.04
C PRO C 26 26.33 16.32 -28.41
N GLY C 27 25.29 15.62 -28.85
CA GLY C 27 25.28 14.91 -30.12
C GLY C 27 25.65 13.45 -30.04
N ARG C 28 26.26 13.02 -28.94
CA ARG C 28 26.78 11.69 -28.76
C ARG C 28 26.02 11.03 -27.62
N VAL C 29 25.95 9.70 -27.65
CA VAL C 29 25.22 8.91 -26.67
C VAL C 29 26.26 8.12 -25.88
N THR C 30 26.28 8.33 -24.57
CA THR C 30 27.17 7.61 -23.68
C THR C 30 26.37 6.57 -22.88
N ALA C 31 26.74 5.30 -23.02
CA ALA C 31 26.09 4.22 -22.26
C ALA C 31 26.91 3.90 -21.02
N LEU C 32 26.19 3.62 -19.94
CA LEU C 32 26.76 3.45 -18.61
C LEU C 32 26.56 2.00 -18.20
N LEU C 33 27.66 1.30 -17.97
CA LEU C 33 27.65 -0.12 -17.63
C LEU C 33 28.20 -0.30 -16.22
N GLY C 34 27.80 -1.41 -15.59
CA GLY C 34 28.15 -1.71 -14.23
C GLY C 34 27.24 -2.78 -13.68
N ARG C 35 27.73 -3.57 -12.74
CA ARG C 35 26.85 -4.57 -12.15
C ARG C 35 25.92 -3.89 -11.16
N ASN C 36 24.90 -4.64 -10.69
CA ASN C 36 23.98 -4.09 -9.69
C ASN C 36 24.77 -3.54 -8.50
N GLY C 37 24.27 -2.43 -7.95
CA GLY C 37 24.94 -1.76 -6.85
C GLY C 37 26.20 -0.99 -7.21
N ALA C 38 26.62 -1.00 -8.48
CA ALA C 38 27.85 -0.32 -8.84
C ALA C 38 27.75 1.18 -8.65
N GLY C 39 26.54 1.71 -8.50
CA GLY C 39 26.33 3.13 -8.44
C GLY C 39 25.82 3.79 -9.70
N LYS C 40 25.39 3.02 -10.69
CA LYS C 40 24.88 3.63 -11.92
C LYS C 40 23.74 4.60 -11.63
N SER C 41 22.73 4.13 -10.88
CA SER C 41 21.53 4.96 -10.68
C SER C 41 21.82 6.20 -9.84
N THR C 42 22.77 6.12 -8.90
CA THR C 42 23.22 7.31 -8.20
C THR C 42 23.86 8.31 -9.16
N LEU C 43 24.88 7.87 -9.90
CA LEU C 43 25.56 8.76 -10.84
C LEU C 43 24.55 9.47 -11.72
N LEU C 44 23.51 8.76 -12.14
CA LEU C 44 22.52 9.39 -13.01
C LEU C 44 21.67 10.40 -12.25
N LYS C 45 21.20 10.02 -11.04
CA LYS C 45 20.49 10.98 -10.18
C LYS C 45 21.33 12.21 -9.97
N THR C 46 22.65 12.05 -9.90
CA THR C 46 23.57 13.16 -9.69
C THR C 46 23.58 14.10 -10.88
N PHE C 47 23.65 13.56 -12.10
CA PHE C 47 23.53 14.37 -13.32
C PHE C 47 22.14 14.99 -13.46
N ALA C 48 21.10 14.38 -12.89
CA ALA C 48 19.78 15.01 -12.91
C ALA C 48 19.74 16.24 -12.02
N GLY C 49 20.53 16.28 -10.96
CA GLY C 49 20.40 17.30 -9.94
C GLY C 49 19.48 16.96 -8.80
N GLU C 50 19.10 15.70 -8.62
CA GLU C 50 18.38 15.28 -7.44
C GLU C 50 19.24 15.33 -6.18
N LEU C 51 20.56 15.45 -6.31
CA LEU C 51 21.41 15.40 -5.13
C LEU C 51 22.16 16.70 -4.87
N THR C 52 21.69 17.82 -5.41
CA THR C 52 22.48 19.02 -5.34
C THR C 52 21.57 20.24 -5.58
N GLY C 53 21.33 21.00 -4.54
CA GLY C 53 20.37 22.10 -4.51
C GLY C 53 19.52 22.00 -3.28
N SER C 54 18.41 22.70 -3.23
CA SER C 54 17.50 22.62 -2.10
C SER C 54 16.71 21.29 -2.06
N VAL C 55 17.42 20.17 -2.19
CA VAL C 55 16.93 18.82 -1.94
C VAL C 55 18.15 17.99 -1.53
N ALA C 56 17.93 16.98 -0.68
CA ALA C 56 18.96 15.98 -0.47
C ALA C 56 18.45 14.64 -1.00
N GLY C 59 20.07 13.71 3.90
CA GLY C 59 21.47 14.03 4.16
C GLY C 59 22.46 13.13 3.43
N VAL C 60 22.98 13.61 2.30
CA VAL C 60 24.04 12.95 1.55
C VAL C 60 24.95 14.05 1.00
N ARG C 61 26.24 13.85 1.09
CA ARG C 61 27.19 14.91 0.88
C ARG C 61 27.95 14.66 -0.43
N VAL C 62 28.19 15.73 -1.17
CA VAL C 62 28.71 15.65 -2.52
C VAL C 62 29.88 16.62 -2.67
N THR C 63 30.92 16.20 -3.38
CA THR C 63 32.12 17.01 -3.51
C THR C 63 32.62 16.94 -4.95
N GLY C 64 33.33 17.99 -5.35
CA GLY C 64 33.83 18.12 -6.71
C GLY C 64 32.84 18.83 -7.62
N ASP C 65 33.28 19.08 -8.85
CA ASP C 65 32.51 19.86 -9.78
C ASP C 65 31.59 18.98 -10.62
N VAL C 66 30.34 19.43 -10.78
CA VAL C 66 29.44 18.89 -11.79
C VAL C 66 28.81 20.07 -12.53
N THR C 67 28.80 20.00 -13.85
CA THR C 67 28.67 21.16 -14.71
C THR C 67 27.74 20.87 -15.86
N LEU C 68 26.79 21.77 -16.12
CA LEU C 68 25.89 21.65 -17.27
C LEU C 68 26.11 22.87 -18.16
N ASN C 69 26.70 22.64 -19.35
CA ASN C 69 27.06 23.69 -20.32
C ASN C 69 27.92 24.79 -19.70
N GLY C 70 28.61 24.52 -18.59
CA GLY C 70 29.49 25.55 -18.08
C GLY C 70 29.24 26.01 -16.68
N GLU C 71 28.04 25.81 -16.12
CA GLU C 71 27.81 26.28 -14.76
C GLU C 71 27.62 25.11 -13.81
N PRO C 72 27.92 25.31 -12.52
CA PRO C 72 27.68 24.23 -11.55
C PRO C 72 26.19 23.94 -11.47
N LEU C 73 25.86 22.64 -11.45
CA LEU C 73 24.46 22.23 -11.40
C LEU C 73 23.74 22.87 -10.23
N ALA C 74 24.46 23.07 -9.11
CA ALA C 74 23.80 23.49 -7.88
C ALA C 74 23.21 24.88 -7.99
N ARG C 75 23.71 25.69 -8.95
CA ARG C 75 23.20 27.04 -9.19
C ARG C 75 22.04 27.08 -10.16
N ILE C 76 21.59 25.92 -10.64
CA ILE C 76 20.52 25.84 -11.65
C ILE C 76 19.23 25.44 -10.95
N ASP C 77 18.31 26.42 -10.84
CA ASP C 77 16.93 26.17 -10.40
C ASP C 77 16.33 24.96 -11.09
N ALA C 78 15.57 24.16 -10.29
CA ALA C 78 14.79 23.04 -10.81
C ALA C 78 13.88 23.43 -11.96
N PRO C 79 13.34 24.68 -12.04
CA PRO C 79 12.56 25.09 -13.20
C PRO C 79 13.40 25.25 -14.47
N ARG C 80 14.51 25.98 -14.32
CA ARG C 80 15.43 26.15 -15.43
C ARG C 80 16.03 24.82 -15.83
N LEU C 81 16.58 24.09 -14.85
CA LEU C 81 17.08 22.75 -15.08
C LEU C 81 16.08 21.86 -15.83
N ALA C 82 14.78 22.01 -15.57
CA ALA C 82 13.78 21.22 -16.29
C ALA C 82 13.74 21.51 -17.80
N CYS C 83 14.44 22.55 -18.25
CA CYS C 83 14.47 22.91 -19.65
C CYS C 83 15.77 22.54 -20.35
N LEU C 84 16.81 22.19 -19.60
CA LEU C 84 18.05 21.75 -20.19
C LEU C 84 18.28 20.25 -20.09
N ARG C 85 17.52 19.54 -19.25
CA ARG C 85 17.67 18.09 -19.16
C ARG C 85 16.31 17.46 -18.89
N ALA C 86 16.15 16.19 -19.29
CA ALA C 86 14.96 15.42 -18.95
C ALA C 86 15.37 14.00 -18.57
N VAL C 87 14.55 13.34 -17.77
CA VAL C 87 14.89 12.02 -17.26
C VAL C 87 13.76 11.05 -17.62
N LEU C 88 14.12 9.97 -18.32
CA LEU C 88 13.17 8.94 -18.70
C LEU C 88 13.29 7.79 -17.72
N PRO C 89 12.38 7.64 -16.78
CA PRO C 89 12.60 6.67 -15.71
C PRO C 89 12.12 5.30 -16.12
N GLN C 90 11.19 4.72 -15.35
CA GLN C 90 10.90 3.30 -15.56
C GLN C 90 9.48 2.89 -15.22
N ALA C 91 9.19 2.74 -13.92
CA ALA C 91 8.01 2.00 -13.45
C ALA C 91 6.72 2.82 -13.64
N ALA C 92 6.41 3.12 -14.91
CA ALA C 92 5.50 4.21 -15.28
C ALA C 92 4.03 3.95 -14.97
N GLN C 93 3.64 2.86 -14.30
CA GLN C 93 2.21 2.59 -14.10
C GLN C 93 1.60 3.73 -13.30
N PRO C 94 0.75 4.56 -13.91
CA PRO C 94 0.39 5.83 -13.26
C PRO C 94 -0.62 5.63 -12.14
N ALA C 95 -0.64 6.60 -11.22
CA ALA C 95 -1.47 6.45 -10.03
C ALA C 95 -2.95 6.62 -10.34
N PHE C 96 -3.28 7.43 -11.34
CA PHE C 96 -4.62 7.68 -11.84
C PHE C 96 -4.66 7.46 -13.36
N PRO C 97 -5.79 7.20 -13.89
CA PRO C 97 -5.89 6.87 -15.32
C PRO C 97 -5.92 8.10 -16.22
N PHE C 98 -4.76 8.74 -16.35
CA PHE C 98 -4.58 9.81 -17.31
C PHE C 98 -4.78 9.28 -18.72
N SER C 99 -4.90 10.18 -19.69
CA SER C 99 -4.82 9.74 -21.07
C SER C 99 -3.39 9.85 -21.58
N VAL C 100 -3.13 9.23 -22.73
CA VAL C 100 -1.82 9.42 -23.37
C VAL C 100 -1.59 10.90 -23.65
N ASP C 101 -2.62 11.56 -24.19
CA ASP C 101 -2.51 12.97 -24.55
C ASP C 101 -2.09 13.80 -23.37
N GLU C 102 -2.53 13.42 -22.18
CA GLU C 102 -2.23 14.17 -20.98
C GLU C 102 -0.82 13.92 -20.50
N ILE C 103 -0.38 12.66 -20.58
CA ILE C 103 0.96 12.33 -20.14
C ILE C 103 1.97 13.10 -20.96
N VAL C 104 1.81 13.08 -22.28
CA VAL C 104 2.82 13.73 -23.13
C VAL C 104 2.78 15.22 -22.91
N LEU C 105 1.58 15.77 -22.76
CA LEU C 105 1.48 17.20 -22.61
C LEU C 105 2.20 17.66 -21.35
N LEU C 106 2.22 16.78 -20.33
CA LEU C 106 2.88 17.09 -19.08
C LEU C 106 4.36 17.33 -19.27
N GLY C 107 4.94 16.79 -20.35
CA GLY C 107 6.30 17.12 -20.69
C GLY C 107 6.51 18.57 -21.10
N ARG C 108 5.46 19.26 -21.52
CA ARG C 108 5.56 20.67 -21.85
C ARG C 108 5.35 21.54 -20.62
N TYR C 109 5.20 20.94 -19.43
CA TYR C 109 5.00 21.69 -18.19
C TYR C 109 6.11 22.71 -17.90
N PRO C 110 7.41 22.39 -18.02
CA PRO C 110 8.45 23.39 -17.72
C PRO C 110 8.45 24.55 -18.68
N HIS C 111 7.80 24.44 -19.83
CA HIS C 111 7.78 25.49 -20.83
C HIS C 111 6.50 26.34 -20.77
N ALA C 112 5.36 25.69 -20.47
CA ALA C 112 4.07 26.35 -20.36
C ALA C 112 4.18 27.61 -19.52
N ARG C 113 3.78 28.74 -20.12
CA ARG C 113 4.23 30.06 -19.67
C ARG C 113 3.39 30.57 -18.49
N ARG C 114 2.07 30.75 -18.71
CA ARG C 114 1.18 31.21 -17.65
C ARG C 114 1.38 30.41 -16.36
N SER C 115 1.18 29.08 -16.45
CA SER C 115 1.57 28.11 -15.44
C SER C 115 1.37 26.70 -16.00
N GLY C 116 0.20 26.51 -16.63
CA GLY C 116 -0.14 25.34 -17.40
C GLY C 116 -0.92 25.78 -18.62
N ALA C 117 -0.22 26.47 -19.53
CA ALA C 117 -0.86 27.15 -20.64
C ALA C 117 -1.57 26.19 -21.57
N THR C 118 -0.92 25.07 -21.92
CA THR C 118 -1.39 24.15 -22.96
C THR C 118 -1.69 24.92 -24.26
N SER C 119 -0.64 25.59 -24.76
CA SER C 119 -0.76 26.36 -25.99
C SER C 119 -0.83 25.43 -27.20
N HIS C 120 -1.00 26.02 -28.38
CA HIS C 120 -1.22 25.20 -29.58
C HIS C 120 0.07 24.58 -30.06
N ARG C 121 1.18 25.30 -29.92
CA ARG C 121 2.46 24.68 -30.22
C ARG C 121 2.69 23.47 -29.34
N ASP C 122 2.31 23.58 -28.07
CA ASP C 122 2.47 22.47 -27.14
C ASP C 122 1.69 21.24 -27.57
N ARG C 123 0.46 21.41 -28.05
CA ARG C 123 -0.28 20.25 -28.54
C ARG C 123 0.32 19.70 -29.83
N ASP C 124 1.02 20.54 -30.60
CA ASP C 124 1.68 20.04 -31.80
C ASP C 124 2.93 19.24 -31.43
N ILE C 125 3.82 19.84 -30.63
CA ILE C 125 5.00 19.14 -30.13
C ILE C 125 4.60 17.81 -29.49
N ALA C 126 3.55 17.82 -28.66
CA ALA C 126 3.08 16.57 -28.07
C ALA C 126 2.71 15.57 -29.15
N TRP C 127 1.99 16.01 -30.18
CA TRP C 127 1.73 15.11 -31.29
C TRP C 127 3.01 14.70 -32.04
N ARG C 128 3.92 15.64 -32.34
CA ARG C 128 5.14 15.27 -33.06
C ARG C 128 6.07 14.42 -32.18
N ALA C 129 6.02 14.58 -30.87
CA ALA C 129 6.84 13.72 -30.03
C ALA C 129 6.27 12.31 -29.98
N LEU C 130 4.95 12.20 -29.87
CA LEU C 130 4.30 10.89 -29.99
C LEU C 130 4.61 10.27 -31.35
N GLU C 131 4.69 11.12 -32.38
CA GLU C 131 5.16 10.72 -33.69
C GLU C 131 6.53 10.05 -33.58
N ARG C 132 7.56 10.79 -33.13
CA ARG C 132 8.88 10.15 -33.13
CA ARG C 132 8.89 10.19 -33.08
C ARG C 132 8.99 9.04 -32.08
N ALA C 133 8.21 9.06 -31.00
CA ALA C 133 8.25 7.90 -30.10
C ALA C 133 7.59 6.68 -30.71
N GLY C 134 6.99 6.83 -31.88
CA GLY C 134 6.18 5.77 -32.42
C GLY C 134 5.03 5.37 -31.50
N ALA C 135 4.24 6.35 -31.03
CA ALA C 135 3.13 6.05 -30.11
C ALA C 135 1.84 6.76 -30.53
N ASP C 136 1.83 7.39 -31.71
CA ASP C 136 0.69 8.14 -32.21
C ASP C 136 -0.56 7.29 -32.43
N ALA C 137 -0.41 5.97 -32.64
CA ALA C 137 -1.56 5.08 -32.63
C ALA C 137 -2.32 5.13 -31.32
N LEU C 138 -1.66 5.55 -30.22
CA LEU C 138 -2.23 5.44 -28.89
C LEU C 138 -2.91 6.72 -28.43
N VAL C 139 -3.15 7.68 -29.34
CA VAL C 139 -3.83 8.91 -28.95
C VAL C 139 -5.22 8.56 -28.46
N GLY C 140 -5.56 9.07 -27.27
CA GLY C 140 -6.87 8.79 -26.72
C GLY C 140 -6.81 7.82 -25.57
N ARG C 141 -6.03 6.75 -25.71
CA ARG C 141 -6.05 5.63 -24.77
C ARG C 141 -5.85 6.05 -23.29
N ASP C 142 -6.54 5.31 -22.41
CA ASP C 142 -6.32 5.30 -20.97
C ASP C 142 -4.97 4.64 -20.70
N VAL C 143 -4.07 5.33 -19.99
CA VAL C 143 -2.70 4.81 -19.83
C VAL C 143 -2.68 3.47 -19.11
N THR C 144 -3.76 3.11 -18.42
CA THR C 144 -3.79 1.85 -17.68
C THR C 144 -4.32 0.67 -18.51
N THR C 145 -4.79 0.89 -19.74
CA THR C 145 -5.01 -0.22 -20.66
C THR C 145 -3.83 -0.46 -21.59
N LEU C 146 -2.68 0.15 -21.32
CA LEU C 146 -1.49 0.03 -22.17
C LEU C 146 -0.58 -1.05 -21.64
N SER C 147 -0.13 -1.93 -22.53
CA SER C 147 0.94 -2.85 -22.20
C SER C 147 2.15 -2.04 -21.79
N GLY C 148 3.01 -2.67 -21.00
CA GLY C 148 4.24 -2.00 -20.60
C GLY C 148 5.05 -1.50 -21.78
N GLY C 149 4.92 -2.15 -22.93
CA GLY C 149 5.62 -1.68 -24.11
C GLY C 149 5.02 -0.41 -24.68
N GLU C 150 3.69 -0.36 -24.78
CA GLU C 150 3.04 0.85 -25.24
C GLU C 150 3.32 2.02 -24.28
N LEU C 151 3.07 1.82 -22.99
CA LEU C 151 3.34 2.85 -21.99
C LEU C 151 4.77 3.37 -22.09
N ALA C 152 5.70 2.47 -22.37
CA ALA C 152 7.09 2.86 -22.44
C ALA C 152 7.36 3.74 -23.67
N ARG C 153 6.63 3.52 -24.76
CA ARG C 153 6.70 4.45 -25.88
C ARG C 153 6.12 5.81 -25.50
N VAL C 154 5.04 5.83 -24.70
CA VAL C 154 4.41 7.09 -24.30
C VAL C 154 5.31 7.91 -23.39
N GLN C 155 5.95 7.26 -22.40
CA GLN C 155 6.86 8.01 -21.53
C GLN C 155 8.02 8.59 -22.33
N PHE C 156 8.53 7.83 -23.31
CA PHE C 156 9.52 8.40 -24.23
C PHE C 156 8.94 9.59 -25.00
N ALA C 157 7.71 9.49 -25.51
CA ALA C 157 7.09 10.65 -26.15
C ALA C 157 7.14 11.85 -25.23
N ARG C 158 6.76 11.66 -23.97
CA ARG C 158 6.66 12.77 -23.05
C ARG C 158 8.03 13.39 -22.76
N VAL C 159 9.07 12.57 -22.72
CA VAL C 159 10.33 13.16 -22.38
C VAL C 159 10.90 13.92 -23.60
N LEU C 160 10.68 13.43 -24.82
CA LEU C 160 10.99 14.22 -26.02
C LEU C 160 10.24 15.56 -26.01
N ALA C 161 8.91 15.53 -25.78
CA ALA C 161 8.13 16.77 -25.73
C ALA C 161 8.82 17.84 -24.87
N GLN C 162 9.42 17.41 -23.76
CA GLN C 162 10.05 18.38 -22.88
C GLN C 162 11.33 18.96 -23.47
N LEU C 163 12.02 18.21 -24.33
CA LEU C 163 13.29 18.64 -24.90
C LEU C 163 13.16 19.20 -26.29
N TRP C 164 11.94 19.32 -26.81
CA TRP C 164 11.73 19.71 -28.20
C TRP C 164 12.43 21.02 -28.53
N PRO C 165 12.98 21.17 -29.74
CA PRO C 165 13.69 22.42 -30.06
C PRO C 165 12.73 23.58 -30.27
N ASP C 166 13.18 24.78 -29.92
CA ASP C 166 12.27 25.93 -29.83
C ASP C 166 12.92 27.20 -30.37
N HIS C 167 12.29 28.34 -30.05
CA HIS C 167 12.67 29.76 -30.30
C HIS C 167 14.10 29.97 -30.77
N PRO C 174 22.58 23.47 -25.69
CA PRO C 174 22.43 22.02 -25.84
C PRO C 174 21.88 21.38 -24.58
N ARG C 175 20.85 20.55 -24.75
CA ARG C 175 20.14 19.92 -23.64
C ARG C 175 20.66 18.49 -23.43
N TYR C 176 20.10 17.82 -22.42
CA TYR C 176 20.61 16.52 -22.01
C TYR C 176 19.46 15.56 -21.71
N LEU C 177 19.55 14.36 -22.21
CA LEU C 177 18.54 13.34 -21.93
C LEU C 177 19.20 12.22 -21.13
N LEU C 178 18.64 11.91 -19.95
CA LEU C 178 19.17 10.88 -19.06
C LEU C 178 18.19 9.71 -19.03
N LEU C 179 18.60 8.55 -19.56
CA LEU C 179 17.79 7.35 -19.59
C LEU C 179 18.13 6.44 -18.40
N ASP C 180 17.15 6.12 -17.55
CA ASP C 180 17.38 5.28 -16.37
C ASP C 180 16.88 3.87 -16.68
N GLU C 181 17.74 3.07 -17.33
CA GLU C 181 17.39 1.75 -17.80
C GLU C 181 16.03 1.75 -18.51
N PRO C 182 15.89 2.51 -19.60
CA PRO C 182 14.61 2.54 -20.31
C PRO C 182 14.37 1.31 -21.14
N THR C 183 15.41 0.55 -21.40
CA THR C 183 15.42 -0.41 -22.47
C THR C 183 14.99 -1.80 -22.02
N ALA C 184 15.08 -2.10 -20.72
CA ALA C 184 14.71 -3.42 -20.20
C ALA C 184 13.18 -3.55 -20.12
N ALA C 185 12.71 -4.80 -20.18
CA ALA C 185 11.29 -5.11 -20.24
C ALA C 185 10.63 -4.53 -21.48
N LEU C 186 11.43 -4.15 -22.47
CA LEU C 186 10.97 -3.99 -23.85
C LEU C 186 11.41 -5.24 -24.59
N ASP C 187 10.61 -5.69 -25.57
CA ASP C 187 11.06 -6.86 -26.32
C ASP C 187 12.19 -6.45 -27.27
N LEU C 188 12.84 -7.47 -27.86
CA LEU C 188 14.10 -7.25 -28.58
C LEU C 188 13.97 -6.13 -29.60
N ALA C 189 13.10 -6.33 -30.60
CA ALA C 189 12.93 -5.34 -31.66
C ALA C 189 12.71 -3.95 -31.09
N HIS C 190 11.89 -3.87 -30.04
CA HIS C 190 11.62 -2.61 -29.36
C HIS C 190 12.90 -1.98 -28.81
N GLN C 191 13.77 -2.77 -28.14
CA GLN C 191 14.95 -2.15 -27.53
C GLN C 191 15.84 -1.51 -28.59
N HIS C 192 16.05 -2.19 -29.71
CA HIS C 192 16.90 -1.59 -30.74
C HIS C 192 16.23 -0.37 -31.33
N ARG C 193 14.90 -0.40 -31.52
CA ARG C 193 14.17 0.75 -32.05
C ARG C 193 14.43 2.00 -31.24
N LEU C 194 14.34 1.88 -29.89
CA LEU C 194 14.42 3.05 -29.00
C LEU C 194 15.83 3.62 -28.96
N LEU C 195 16.83 2.78 -28.75
CA LEU C 195 18.20 3.30 -28.74
C LEU C 195 18.64 3.82 -30.12
N ASP C 196 18.06 3.33 -31.21
CA ASP C 196 18.32 3.97 -32.50
C ASP C 196 17.70 5.36 -32.58
N THR C 197 16.43 5.50 -32.18
CA THR C 197 15.82 6.81 -32.17
C THR C 197 16.55 7.76 -31.24
N VAL C 198 16.91 7.29 -30.04
CA VAL C 198 17.63 8.16 -29.10
C VAL C 198 18.88 8.72 -29.78
N ARG C 199 19.67 7.84 -30.42
CA ARG C 199 20.88 8.30 -31.10
C ARG C 199 20.56 9.30 -32.18
N ALA C 200 19.50 9.05 -32.95
CA ALA C 200 19.09 9.96 -34.02
C ALA C 200 18.72 11.32 -33.45
N VAL C 201 17.85 11.34 -32.45
CA VAL C 201 17.50 12.61 -31.80
C VAL C 201 18.76 13.30 -31.28
N ALA C 202 19.62 12.56 -30.58
CA ALA C 202 20.86 13.15 -30.05
C ALA C 202 21.69 13.79 -31.15
N ARG C 203 21.78 13.14 -32.30
CA ARG C 203 22.51 13.72 -33.42
C ARG C 203 21.75 14.89 -34.05
N GLU C 204 20.42 14.82 -34.15
CA GLU C 204 19.68 15.86 -34.88
C GLU C 204 19.50 17.14 -34.06
N TRP C 205 19.19 17.02 -32.78
CA TRP C 205 19.01 18.19 -31.92
C TRP C 205 20.26 18.59 -31.14
N GLN C 206 21.40 17.92 -31.35
CA GLN C 206 22.63 18.22 -30.63
C GLN C 206 22.40 18.12 -29.13
N LEU C 207 22.10 16.90 -28.74
CA LEU C 207 21.59 16.57 -27.44
C LEU C 207 22.58 15.58 -26.84
N GLY C 208 22.86 15.75 -25.54
CA GLY C 208 23.73 14.86 -24.81
C GLY C 208 22.94 13.80 -24.09
N VAL C 209 23.27 12.54 -24.33
CA VAL C 209 22.54 11.39 -23.79
C VAL C 209 23.46 10.53 -22.96
N LEU C 210 23.07 10.28 -21.71
CA LEU C 210 23.64 9.21 -20.88
C LEU C 210 22.54 8.19 -20.60
N ALA C 211 22.75 6.94 -21.02
CA ALA C 211 21.75 5.87 -20.81
C ALA C 211 22.36 4.70 -20.03
N ILE C 212 21.75 4.33 -18.90
CA ILE C 212 22.14 3.10 -18.19
C ILE C 212 21.55 1.91 -18.92
N VAL C 213 22.39 0.99 -19.39
CA VAL C 213 21.96 -0.17 -20.17
C VAL C 213 22.48 -1.46 -19.54
N HIS C 214 21.62 -2.49 -19.52
CA HIS C 214 21.98 -3.79 -18.93
C HIS C 214 22.85 -4.62 -19.87
N ASP C 215 22.36 -4.92 -21.07
CA ASP C 215 23.04 -5.81 -21.99
C ASP C 215 24.22 -5.07 -22.59
N PRO C 216 25.47 -5.45 -22.30
CA PRO C 216 26.60 -4.72 -22.87
C PRO C 216 26.65 -4.81 -24.38
N ASN C 217 26.18 -5.91 -24.96
CA ASN C 217 26.08 -5.96 -26.43
C ASN C 217 25.12 -4.90 -26.95
N LEU C 218 24.08 -4.56 -26.19
CA LEU C 218 23.14 -3.53 -26.63
C LEU C 218 23.78 -2.16 -26.59
N ALA C 219 24.51 -1.85 -25.52
CA ALA C 219 25.32 -0.63 -25.48
C ALA C 219 26.29 -0.55 -26.64
N ALA C 220 26.82 -1.69 -27.11
CA ALA C 220 27.84 -1.66 -28.15
C ALA C 220 27.27 -1.22 -29.49
N ARG C 221 26.03 -1.62 -29.79
CA ARG C 221 25.47 -1.27 -31.10
C ARG C 221 25.02 0.17 -31.18
N HIS C 222 24.57 0.76 -30.06
CA HIS C 222 23.91 2.06 -30.17
C HIS C 222 24.61 3.21 -29.47
N ALA C 223 25.76 2.99 -28.85
CA ALA C 223 26.42 4.05 -28.12
C ALA C 223 27.66 4.50 -28.88
N ASP C 224 27.87 5.81 -28.88
CA ASP C 224 29.12 6.35 -29.38
C ASP C 224 30.23 6.17 -28.36
N ALA C 225 29.88 6.14 -27.08
CA ALA C 225 30.83 6.07 -25.97
C ALA C 225 30.29 5.15 -24.90
N ILE C 226 31.19 4.48 -24.19
CA ILE C 226 30.82 3.57 -23.11
C ILE C 226 31.64 3.89 -21.87
N ALA C 227 30.97 4.02 -20.73
CA ALA C 227 31.62 4.16 -19.43
C ALA C 227 31.23 2.94 -18.61
N MET C 228 32.22 2.08 -18.33
CA MET C 228 32.02 0.95 -17.44
C MET C 228 32.29 1.40 -16.01
N LEU C 229 31.29 1.25 -15.14
CA LEU C 229 31.38 1.73 -13.76
C LEU C 229 31.56 0.55 -12.81
N ALA C 230 32.69 0.52 -12.12
CA ALA C 230 33.01 -0.58 -11.22
C ALA C 230 33.36 -0.01 -9.86
N ASP C 231 32.50 -0.26 -8.87
CA ASP C 231 32.76 0.10 -7.48
C ASP C 231 33.03 1.61 -7.35
N GLY C 232 31.97 2.37 -7.58
CA GLY C 232 32.01 3.81 -7.41
C GLY C 232 32.92 4.58 -8.34
N THR C 233 33.62 3.93 -9.25
CA THR C 233 34.55 4.63 -10.13
C THR C 233 34.38 4.14 -11.56
N ILE C 234 34.70 5.01 -12.50
CA ILE C 234 34.66 4.65 -13.91
C ILE C 234 36.00 4.05 -14.26
N VAL C 235 35.97 2.79 -14.66
CA VAL C 235 37.16 1.99 -14.89
C VAL C 235 37.44 1.78 -16.37
N ALA C 236 36.56 2.23 -17.26
CA ALA C 236 36.88 2.32 -18.66
C ALA C 236 35.94 3.32 -19.29
N HIS C 237 36.42 4.02 -20.31
CA HIS C 237 35.65 5.05 -21.02
C HIS C 237 36.22 5.18 -22.42
N GLY C 238 35.34 5.31 -23.41
CA GLY C 238 35.76 5.46 -24.78
C GLY C 238 34.85 4.68 -25.72
N ALA C 239 35.26 4.62 -26.99
CA ALA C 239 34.39 4.04 -27.99
C ALA C 239 34.16 2.56 -27.71
N PRO C 240 33.01 2.03 -28.13
CA PRO C 240 32.76 0.59 -27.95
C PRO C 240 33.88 -0.31 -28.45
N ARG C 241 34.64 0.12 -29.46
CA ARG C 241 35.74 -0.71 -29.96
C ARG C 241 36.83 -0.91 -28.91
N ASP C 242 37.34 0.19 -28.35
CA ASP C 242 38.45 0.10 -27.42
C ASP C 242 38.01 -0.39 -26.05
N VAL C 243 36.86 0.07 -25.54
CA VAL C 243 36.47 -0.25 -24.17
C VAL C 243 36.02 -1.71 -24.06
N MET C 244 35.19 -2.15 -25.00
CA MET C 244 34.67 -3.51 -24.98
C MET C 244 35.79 -4.53 -25.24
N THR C 245 36.41 -5.01 -24.16
CA THR C 245 37.51 -5.95 -24.24
C THR C 245 37.36 -6.97 -23.13
N PRO C 246 37.95 -8.14 -23.27
CA PRO C 246 37.79 -9.15 -22.22
C PRO C 246 38.28 -8.69 -20.86
N ALA C 247 39.39 -7.98 -20.80
CA ALA C 247 39.89 -7.58 -19.49
C ALA C 247 38.95 -6.58 -18.83
N HIS C 248 38.34 -5.69 -19.64
CA HIS C 248 37.45 -4.68 -19.09
C HIS C 248 36.14 -5.29 -18.59
N ILE C 249 35.43 -6.00 -19.46
CA ILE C 249 34.30 -6.80 -19.02
C ILE C 249 34.67 -7.62 -17.81
N ALA C 250 35.93 -8.06 -17.71
CA ALA C 250 36.32 -8.87 -16.56
C ALA C 250 36.18 -8.08 -15.25
N GLN C 251 36.79 -6.90 -15.17
CA GLN C 251 36.78 -6.20 -13.89
C GLN C 251 35.49 -5.43 -13.66
N CYS C 252 34.81 -5.04 -14.71
CA CYS C 252 33.53 -4.37 -14.54
C CYS C 252 32.48 -5.35 -14.02
N TYR C 253 32.42 -6.55 -14.60
CA TYR C 253 31.35 -7.50 -14.30
C TYR C 253 31.79 -8.78 -13.60
N GLY C 254 33.07 -9.01 -13.39
CA GLY C 254 33.51 -10.27 -12.83
C GLY C 254 33.20 -11.45 -13.71
N PHE C 255 33.12 -11.24 -15.02
CA PHE C 255 32.52 -12.19 -15.95
C PHE C 255 33.52 -12.45 -17.08
N ALA C 256 33.99 -13.69 -17.19
CA ALA C 256 35.03 -14.04 -18.14
C ALA C 256 34.45 -14.17 -19.54
N VAL C 257 34.73 -13.21 -20.43
CA VAL C 257 34.13 -13.23 -21.77
C VAL C 257 35.19 -13.24 -22.86
N LYS C 258 34.74 -13.28 -24.11
CA LYS C 258 35.58 -13.02 -25.25
C LYS C 258 34.77 -12.23 -26.27
N MET C 259 35.47 -11.54 -27.16
CA MET C 259 34.82 -10.77 -28.21
C MET C 259 34.79 -11.58 -29.51
N VAL C 260 33.85 -11.25 -30.38
CA VAL C 260 33.64 -11.95 -31.65
C VAL C 260 33.17 -10.92 -32.68
N GLU C 261 33.58 -11.10 -33.94
CA GLU C 261 33.34 -10.12 -34.99
C GLU C 261 32.03 -10.36 -35.75
N THR C 262 31.61 -9.36 -36.53
CA THR C 262 30.50 -9.49 -37.49
C THR C 262 30.93 -8.85 -38.81
N GLY C 263 29.99 -8.68 -39.73
CA GLY C 263 30.28 -8.06 -41.02
C GLY C 263 30.77 -6.63 -40.96
N PRO C 267 30.45 -3.51 -35.51
CA PRO C 267 30.45 -3.61 -34.04
C PRO C 267 30.61 -5.04 -33.52
N PRO C 268 31.51 -5.24 -32.54
CA PRO C 268 31.86 -6.59 -32.10
C PRO C 268 31.10 -7.03 -30.84
N VAL C 269 30.75 -8.33 -30.74
CA VAL C 269 29.82 -8.83 -29.71
C VAL C 269 30.58 -9.58 -28.62
N MET C 270 30.14 -9.36 -27.38
CA MET C 270 30.65 -10.09 -26.23
C MET C 270 29.93 -11.41 -26.11
N VAL C 271 30.69 -12.43 -25.75
CA VAL C 271 30.27 -13.82 -25.72
C VAL C 271 31.00 -14.46 -24.53
N PRO C 272 30.38 -15.38 -23.80
CA PRO C 272 31.04 -15.98 -22.63
C PRO C 272 32.07 -17.04 -23.04
N ALA C 273 32.71 -17.65 -22.04
CA ALA C 273 33.76 -18.72 -22.15
C ALA C 273 35.04 -18.25 -22.84
N MET D 1 7.80 -37.61 -17.31
CA MET D 1 7.50 -36.62 -18.34
C MET D 1 6.32 -35.68 -17.98
N LEU D 2 6.59 -34.38 -17.83
CA LEU D 2 5.55 -33.38 -17.60
C LEU D 2 5.09 -32.83 -18.96
N THR D 3 3.89 -33.19 -19.38
CA THR D 3 3.47 -32.98 -20.76
C THR D 3 2.19 -32.17 -20.86
N ALA D 4 2.14 -31.28 -21.85
CA ALA D 4 0.93 -30.57 -22.28
C ALA D 4 0.65 -30.94 -23.72
N HIS D 5 -0.53 -31.49 -23.98
CA HIS D 5 -0.95 -31.91 -25.31
C HIS D 5 -2.25 -31.21 -25.67
N HIS D 6 -2.24 -30.47 -26.78
CA HIS D 6 -3.43 -29.79 -27.30
C HIS D 6 -4.09 -28.97 -26.20
N LEU D 7 -3.27 -28.21 -25.49
CA LEU D 7 -3.71 -27.45 -24.33
C LEU D 7 -4.24 -26.08 -24.74
N ASP D 8 -5.44 -25.75 -24.29
CA ASP D 8 -6.01 -24.43 -24.54
C ASP D 8 -6.28 -23.73 -23.22
N VAL D 9 -6.08 -22.42 -23.18
CA VAL D 9 -6.32 -21.64 -21.98
C VAL D 9 -7.03 -20.35 -22.36
N ALA D 10 -8.10 -20.02 -21.63
CA ALA D 10 -8.89 -18.79 -21.79
C ALA D 10 -9.24 -18.15 -20.43
N GLY D 14 -10.39 -13.54 -23.44
CA GLY D 14 -10.24 -14.39 -24.61
C GLY D 14 -9.32 -15.57 -24.34
N THR D 15 -8.85 -16.26 -25.39
CA THR D 15 -7.89 -17.35 -25.23
C THR D 15 -6.47 -16.83 -25.42
N ILE D 16 -5.59 -17.15 -24.48
CA ILE D 16 -4.21 -16.70 -24.52
C ILE D 16 -3.22 -17.84 -24.83
N LEU D 17 -3.63 -19.10 -24.74
CA LEU D 17 -2.85 -20.20 -25.33
C LEU D 17 -3.76 -21.03 -26.24
N ARG D 18 -3.35 -21.20 -27.50
CA ARG D 18 -4.14 -21.86 -28.54
C ARG D 18 -3.44 -23.14 -28.96
N ASP D 19 -4.05 -24.28 -28.66
CA ASP D 19 -3.60 -25.60 -29.09
C ASP D 19 -2.09 -25.76 -28.90
N LEU D 20 -1.69 -26.04 -27.68
CA LEU D 20 -0.28 -25.96 -27.31
C LEU D 20 0.18 -27.33 -26.83
N SER D 21 1.17 -27.89 -27.51
CA SER D 21 1.72 -29.19 -27.15
C SER D 21 3.21 -29.02 -26.88
N LEU D 22 3.66 -29.45 -25.70
CA LEU D 22 5.05 -29.33 -25.28
C LEU D 22 5.30 -30.26 -24.11
N SER D 23 6.56 -30.68 -23.92
CA SER D 23 6.87 -31.68 -22.89
C SER D 23 8.21 -31.39 -22.23
N ILE D 24 8.18 -31.22 -20.90
CA ILE D 24 9.37 -31.10 -20.08
C ILE D 24 9.84 -32.51 -19.70
N GLU D 25 11.11 -32.82 -19.96
CA GLU D 25 11.52 -34.18 -19.71
C GLU D 25 12.77 -34.29 -18.83
N PRO D 26 12.82 -35.30 -17.95
CA PRO D 26 13.85 -35.33 -16.90
C PRO D 26 15.27 -35.38 -17.46
N GLY D 27 16.18 -34.73 -16.73
CA GLY D 27 17.56 -34.58 -17.11
C GLY D 27 17.83 -33.44 -18.08
N ARG D 28 16.78 -32.92 -18.72
CA ARG D 28 16.86 -31.90 -19.75
C ARG D 28 16.22 -30.59 -19.29
N VAL D 29 16.77 -29.49 -19.78
CA VAL D 29 16.25 -28.14 -19.51
C VAL D 29 15.70 -27.58 -20.81
N THR D 30 14.37 -27.45 -20.88
CA THR D 30 13.70 -26.71 -21.93
C THR D 30 13.61 -25.23 -21.55
N ALA D 31 13.93 -24.35 -22.50
CA ALA D 31 13.82 -22.90 -22.33
C ALA D 31 12.70 -22.36 -23.21
N LEU D 32 11.87 -21.49 -22.66
CA LEU D 32 10.67 -21.00 -23.32
C LEU D 32 10.84 -19.53 -23.70
N LEU D 33 10.70 -19.24 -24.99
CA LEU D 33 10.99 -17.92 -25.55
C LEU D 33 9.73 -17.33 -26.18
N GLY D 34 9.55 -16.03 -26.00
CA GLY D 34 8.43 -15.35 -26.63
C GLY D 34 8.46 -13.89 -26.23
N ARG D 35 7.68 -13.09 -26.94
CA ARG D 35 7.68 -11.69 -26.56
C ARG D 35 6.60 -11.42 -25.52
N ASN D 36 6.59 -10.21 -24.99
CA ASN D 36 5.69 -9.86 -23.90
C ASN D 36 4.24 -9.99 -24.33
N GLY D 37 3.47 -10.74 -23.56
CA GLY D 37 2.10 -11.01 -23.93
C GLY D 37 1.92 -12.20 -24.83
N ALA D 38 2.92 -13.06 -24.91
CA ALA D 38 2.79 -14.25 -25.74
C ALA D 38 2.16 -15.42 -25.00
N GLY D 39 2.03 -15.30 -23.68
CA GLY D 39 1.49 -16.37 -22.88
C GLY D 39 2.51 -17.28 -22.25
N LYS D 40 3.80 -16.87 -22.19
CA LYS D 40 4.82 -17.59 -21.43
C LYS D 40 4.38 -17.86 -19.99
N SER D 41 4.03 -16.80 -19.27
CA SER D 41 3.70 -16.97 -17.87
C SER D 41 2.41 -17.78 -17.66
N THR D 42 1.40 -17.63 -18.55
CA THR D 42 0.19 -18.45 -18.45
C THR D 42 0.52 -19.94 -18.52
N LEU D 43 1.27 -20.34 -19.55
CA LEU D 43 1.68 -21.73 -19.71
C LEU D 43 2.48 -22.25 -18.52
N LEU D 44 3.35 -21.42 -17.95
CA LEU D 44 4.08 -21.86 -16.77
C LEU D 44 3.13 -22.13 -15.61
N LYS D 45 2.21 -21.20 -15.35
CA LYS D 45 1.23 -21.42 -14.28
C LYS D 45 0.44 -22.69 -14.56
N THR D 46 0.17 -22.96 -15.84
CA THR D 46 -0.59 -24.15 -16.19
C THR D 46 0.15 -25.41 -15.79
N PHE D 47 1.42 -25.51 -16.16
CA PHE D 47 2.23 -26.64 -15.73
C PHE D 47 2.29 -26.70 -14.21
N ALA D 48 2.47 -25.55 -13.53
CA ALA D 48 2.56 -25.56 -12.07
C ALA D 48 1.29 -26.11 -11.43
N GLY D 49 0.18 -26.09 -12.14
CA GLY D 49 -1.06 -26.57 -11.56
C GLY D 49 -1.82 -25.49 -10.85
N GLU D 50 -1.70 -24.23 -11.31
CA GLU D 50 -2.42 -23.14 -10.69
C GLU D 50 -3.79 -22.91 -11.30
N LEU D 51 -4.00 -23.37 -12.54
CA LEU D 51 -5.25 -23.14 -13.25
C LEU D 51 -6.02 -24.42 -13.49
N THR D 52 -5.67 -25.51 -12.80
CA THR D 52 -6.36 -26.79 -13.01
C THR D 52 -6.84 -27.48 -11.74
N GLY D 53 -6.34 -27.13 -10.56
CA GLY D 53 -6.87 -27.75 -9.37
C GLY D 53 -8.25 -27.25 -9.00
N SER D 54 -8.43 -26.87 -7.73
CA SER D 54 -9.57 -26.07 -7.29
C SER D 54 -9.03 -24.69 -6.93
N VAL D 55 -9.08 -23.78 -7.91
CA VAL D 55 -8.84 -22.35 -7.71
C VAL D 55 -9.02 -21.58 -9.04
N GLY D 59 -11.47 -18.41 -12.32
CA GLY D 59 -12.52 -18.22 -13.30
C GLY D 59 -12.03 -18.07 -14.74
N VAL D 60 -11.41 -19.13 -15.28
CA VAL D 60 -10.94 -19.16 -16.66
C VAL D 60 -11.06 -20.61 -17.13
N ARG D 61 -11.00 -20.80 -18.46
CA ARG D 61 -11.32 -22.08 -19.08
C ARG D 61 -10.07 -22.75 -19.64
N VAL D 62 -9.86 -24.02 -19.27
CA VAL D 62 -8.68 -24.78 -19.68
C VAL D 62 -9.11 -26.14 -20.20
N THR D 63 -8.59 -26.52 -21.36
CA THR D 63 -8.94 -27.76 -22.04
C THR D 63 -7.68 -28.43 -22.60
N GLY D 64 -7.70 -29.76 -22.67
CA GLY D 64 -6.59 -30.56 -23.13
C GLY D 64 -5.94 -31.33 -21.99
N ASP D 65 -5.01 -32.20 -22.37
CA ASP D 65 -4.32 -33.06 -21.41
C ASP D 65 -3.05 -32.37 -20.95
N VAL D 66 -2.92 -32.14 -19.65
CA VAL D 66 -1.63 -31.81 -19.07
C VAL D 66 -1.34 -32.88 -18.02
N THR D 67 -0.23 -33.60 -18.20
CA THR D 67 0.09 -34.77 -17.39
C THR D 67 1.48 -34.63 -16.81
N LEU D 68 1.60 -35.07 -15.55
CA LEU D 68 2.86 -35.13 -14.82
C LEU D 68 3.15 -36.60 -14.52
N ASN D 69 4.16 -37.16 -15.18
CA ASN D 69 4.54 -38.58 -15.01
C ASN D 69 3.34 -39.49 -15.26
N GLY D 70 2.56 -39.15 -16.28
CA GLY D 70 1.46 -40.02 -16.64
C GLY D 70 0.12 -39.52 -16.16
N GLU D 71 0.03 -39.02 -14.88
CA GLU D 71 -1.35 -38.81 -14.45
C GLU D 71 -1.75 -37.35 -14.61
N PRO D 72 -3.03 -37.07 -14.88
CA PRO D 72 -3.42 -35.70 -15.24
C PRO D 72 -3.27 -34.75 -14.06
N LEU D 73 -2.79 -33.54 -14.36
CA LEU D 73 -2.64 -32.51 -13.33
C LEU D 73 -3.95 -32.26 -12.61
N ALA D 74 -5.05 -32.14 -13.35
CA ALA D 74 -6.37 -31.89 -12.76
C ALA D 74 -6.72 -32.85 -11.62
N ARG D 75 -5.94 -33.91 -11.42
CA ARG D 75 -6.24 -34.99 -10.49
C ARG D 75 -5.15 -35.17 -9.44
N ILE D 76 -4.37 -34.12 -9.14
CA ILE D 76 -3.24 -34.21 -8.21
C ILE D 76 -3.39 -33.11 -7.17
N ASP D 77 -3.60 -33.51 -5.91
CA ASP D 77 -3.70 -32.59 -4.79
C ASP D 77 -2.59 -31.57 -4.81
N ALA D 78 -2.90 -30.36 -4.33
CA ALA D 78 -1.86 -29.33 -4.18
C ALA D 78 -0.70 -29.79 -3.30
N PRO D 79 -0.90 -30.45 -2.15
CA PRO D 79 0.24 -30.75 -1.26
C PRO D 79 1.06 -31.95 -1.71
N ARG D 80 0.47 -32.84 -2.51
CA ARG D 80 1.28 -33.87 -3.16
C ARG D 80 1.97 -33.31 -4.40
N LEU D 81 1.23 -32.52 -5.20
CA LEU D 81 1.82 -31.78 -6.29
C LEU D 81 3.03 -30.96 -5.84
N ALA D 82 3.06 -30.54 -4.59
CA ALA D 82 4.17 -29.72 -4.12
C ALA D 82 5.46 -30.51 -3.96
N CYS D 83 5.35 -31.84 -3.92
CA CYS D 83 6.51 -32.71 -3.82
C CYS D 83 6.98 -33.23 -5.19
N LEU D 84 6.22 -32.94 -6.25
CA LEU D 84 6.59 -33.26 -7.62
C LEU D 84 7.11 -32.07 -8.43
N ARG D 85 6.84 -30.83 -8.02
CA ARG D 85 7.41 -29.69 -8.72
C ARG D 85 7.62 -28.53 -7.76
N ALA D 86 8.49 -27.61 -8.17
CA ALA D 86 8.71 -26.37 -7.44
C ALA D 86 8.98 -25.28 -8.46
N VAL D 87 8.82 -24.04 -8.01
CA VAL D 87 8.78 -22.88 -8.88
C VAL D 87 9.75 -21.86 -8.33
N LEU D 88 10.69 -21.41 -9.16
CA LEU D 88 11.58 -20.32 -8.82
C LEU D 88 10.99 -19.03 -9.34
N PRO D 89 10.52 -18.12 -8.48
CA PRO D 89 9.67 -17.02 -8.97
C PRO D 89 10.39 -15.68 -9.13
N GLN D 90 11.72 -15.66 -9.08
CA GLN D 90 12.52 -14.45 -9.08
C GLN D 90 12.40 -13.69 -7.76
N ALA D 91 13.00 -14.30 -6.72
CA ALA D 91 13.48 -13.61 -5.53
C ALA D 91 12.74 -12.34 -5.17
N ALA D 92 11.76 -12.42 -4.27
CA ALA D 92 11.17 -11.24 -3.65
C ALA D 92 11.46 -11.28 -2.16
N GLN D 93 11.64 -10.10 -1.57
CA GLN D 93 11.95 -9.99 -0.14
C GLN D 93 10.67 -10.10 0.67
N PRO D 94 10.57 -11.07 1.58
CA PRO D 94 9.28 -11.37 2.23
C PRO D 94 8.77 -10.20 3.06
N ALA D 95 7.57 -10.38 3.61
CA ALA D 95 6.91 -9.28 4.31
C ALA D 95 7.59 -8.95 5.62
N PHE D 96 8.31 -9.91 6.18
CA PHE D 96 8.92 -9.82 7.50
C PHE D 96 10.32 -10.43 7.43
N PRO D 97 11.21 -10.04 8.33
CA PRO D 97 12.64 -10.39 8.21
C PRO D 97 13.03 -11.77 8.73
N PHE D 98 12.73 -12.79 7.95
CA PHE D 98 13.18 -14.14 8.25
C PHE D 98 14.68 -14.26 8.05
N SER D 99 15.28 -15.20 8.77
CA SER D 99 16.65 -15.56 8.51
C SER D 99 16.72 -16.46 7.28
N VAL D 100 17.86 -16.39 6.58
CA VAL D 100 18.11 -17.23 5.41
C VAL D 100 17.77 -18.70 5.70
N ASP D 101 18.14 -19.19 6.88
CA ASP D 101 17.83 -20.56 7.25
C ASP D 101 16.34 -20.82 7.28
N GLU D 102 15.58 -19.90 7.88
CA GLU D 102 14.14 -20.11 7.97
C GLU D 102 13.51 -20.16 6.58
N ILE D 103 14.03 -19.35 5.64
CA ILE D 103 13.48 -19.37 4.30
C ILE D 103 13.74 -20.71 3.63
N VAL D 104 14.97 -21.20 3.70
CA VAL D 104 15.33 -22.43 2.99
C VAL D 104 14.57 -23.60 3.56
N LEU D 105 14.58 -23.70 4.88
CA LEU D 105 13.84 -24.75 5.57
C LEU D 105 12.39 -24.75 5.14
N LEU D 106 11.82 -23.57 4.87
CA LEU D 106 10.46 -23.49 4.32
C LEU D 106 10.36 -24.27 3.03
N GLY D 107 11.47 -24.38 2.29
CA GLY D 107 11.48 -25.30 1.18
C GLY D 107 11.04 -26.68 1.58
N ARG D 108 11.38 -27.10 2.81
CA ARG D 108 11.02 -28.40 3.32
C ARG D 108 9.58 -28.48 3.81
N TYR D 109 8.79 -27.40 3.73
CA TYR D 109 7.44 -27.44 4.29
C TYR D 109 6.62 -28.58 3.72
N PRO D 110 6.59 -28.84 2.40
CA PRO D 110 5.77 -29.95 1.91
C PRO D 110 6.17 -31.30 2.45
N HIS D 111 7.37 -31.42 3.00
CA HIS D 111 7.86 -32.70 3.48
C HIS D 111 7.69 -32.88 4.98
N ALA D 112 7.67 -31.79 5.75
CA ALA D 112 7.71 -31.83 7.21
C ALA D 112 6.46 -32.48 7.79
N SER D 119 12.70 -30.20 10.87
CA SER D 119 13.02 -31.49 11.50
C SER D 119 14.53 -31.69 11.71
N HIS D 120 15.07 -32.82 11.23
CA HIS D 120 16.44 -33.24 11.55
C HIS D 120 17.27 -33.49 10.30
N ARG D 121 16.87 -34.43 9.44
CA ARG D 121 17.42 -34.46 8.09
C ARG D 121 17.06 -33.19 7.32
N ASP D 122 16.05 -32.45 7.79
CA ASP D 122 15.69 -31.17 7.19
C ASP D 122 16.82 -30.16 7.31
N ARG D 123 17.27 -29.92 8.54
CA ARG D 123 18.39 -28.99 8.76
C ARG D 123 19.63 -29.40 7.95
N ASP D 124 19.86 -30.72 7.82
CA ASP D 124 20.96 -31.20 6.98
C ASP D 124 20.73 -30.85 5.51
N ILE D 125 19.52 -31.12 5.00
CA ILE D 125 19.23 -30.81 3.59
C ILE D 125 19.30 -29.31 3.31
N ALA D 126 18.59 -28.51 4.12
CA ALA D 126 18.65 -27.04 3.99
C ALA D 126 20.08 -26.54 3.89
N TRP D 127 21.00 -27.14 4.63
CA TRP D 127 22.40 -26.80 4.46
C TRP D 127 22.92 -27.18 3.08
N ARG D 128 22.74 -28.44 2.69
CA ARG D 128 23.25 -28.86 1.40
C ARG D 128 22.52 -28.18 0.25
N ALA D 129 21.28 -27.73 0.47
CA ALA D 129 20.65 -26.90 -0.54
C ALA D 129 21.35 -25.55 -0.61
N LEU D 130 21.55 -24.94 0.54
CA LEU D 130 22.19 -23.63 0.60
C LEU D 130 23.58 -23.67 -0.02
N GLU D 131 24.26 -24.82 0.05
CA GLU D 131 25.61 -24.97 -0.48
C GLU D 131 25.61 -25.06 -2.01
N ARG D 132 24.73 -25.90 -2.59
CA ARG D 132 24.68 -26.03 -4.04
C ARG D 132 24.33 -24.72 -4.70
N ALA D 133 23.53 -23.89 -4.03
CA ALA D 133 23.19 -22.59 -4.58
C ALA D 133 24.23 -21.53 -4.31
N GLY D 134 25.38 -21.91 -3.74
CA GLY D 134 26.39 -20.94 -3.38
C GLY D 134 25.86 -19.78 -2.56
N ALA D 135 25.15 -20.09 -1.47
CA ALA D 135 24.52 -19.08 -0.60
C ALA D 135 24.68 -19.47 0.87
N ASP D 136 25.80 -20.08 1.21
CA ASP D 136 26.03 -20.57 2.57
C ASP D 136 26.79 -19.59 3.45
N ALA D 137 27.52 -18.64 2.89
CA ALA D 137 28.04 -17.57 3.73
C ALA D 137 26.91 -16.75 4.36
N LEU D 138 25.70 -16.83 3.80
CA LEU D 138 24.60 -15.97 4.20
C LEU D 138 23.81 -16.51 5.40
N VAL D 139 24.31 -17.54 6.08
CA VAL D 139 23.54 -18.17 7.15
C VAL D 139 23.43 -17.21 8.32
N GLY D 140 22.24 -17.17 8.95
CA GLY D 140 21.99 -16.31 10.09
C GLY D 140 21.81 -14.84 9.78
N ARG D 141 22.04 -14.42 8.53
CA ARG D 141 21.71 -13.06 8.10
C ARG D 141 20.20 -12.86 7.98
N ASP D 142 19.79 -11.61 8.16
CA ASP D 142 18.42 -11.18 7.87
C ASP D 142 18.29 -10.98 6.36
N VAL D 143 17.26 -11.57 5.76
CA VAL D 143 17.15 -11.48 4.31
C VAL D 143 16.96 -10.05 3.84
N THR D 144 16.61 -9.13 4.72
CA THR D 144 16.39 -7.76 4.26
C THR D 144 17.67 -6.93 4.27
N THR D 145 18.77 -7.49 4.73
CA THR D 145 20.07 -6.88 4.47
C THR D 145 20.71 -7.42 3.19
N LEU D 146 20.07 -8.39 2.53
CA LEU D 146 20.67 -9.03 1.38
C LEU D 146 20.42 -8.23 0.11
N SER D 147 21.46 -8.13 -0.72
CA SER D 147 21.29 -7.68 -2.10
C SER D 147 20.42 -8.66 -2.86
N GLY D 148 19.84 -8.19 -3.95
CA GLY D 148 18.95 -9.03 -4.72
C GLY D 148 19.65 -10.25 -5.27
N GLY D 149 20.96 -10.15 -5.48
CA GLY D 149 21.70 -11.29 -5.99
C GLY D 149 21.82 -12.39 -4.96
N GLU D 150 22.18 -12.01 -3.73
CA GLU D 150 22.18 -12.98 -2.65
C GLU D 150 20.79 -13.52 -2.42
N LEU D 151 19.80 -12.64 -2.43
CA LEU D 151 18.41 -13.05 -2.22
C LEU D 151 18.00 -14.09 -3.25
N ALA D 152 18.43 -13.88 -4.50
CA ALA D 152 18.17 -14.84 -5.57
C ALA D 152 18.80 -16.19 -5.25
N ARG D 153 20.07 -16.15 -4.83
CA ARG D 153 20.79 -17.37 -4.45
C ARG D 153 20.08 -18.13 -3.33
N VAL D 154 19.59 -17.40 -2.32
CA VAL D 154 18.87 -18.02 -1.18
C VAL D 154 17.54 -18.61 -1.63
N GLN D 155 16.80 -17.89 -2.50
CA GLN D 155 15.55 -18.44 -3.04
C GLN D 155 15.84 -19.70 -3.84
N PHE D 156 16.92 -19.70 -4.60
CA PHE D 156 17.33 -20.92 -5.28
C PHE D 156 17.58 -22.04 -4.28
N ALA D 157 18.25 -21.73 -3.17
CA ALA D 157 18.51 -22.78 -2.19
C ALA D 157 17.22 -23.28 -1.56
N ARG D 158 16.20 -22.43 -1.50
CA ARG D 158 14.93 -22.87 -0.93
C ARG D 158 14.22 -23.85 -1.85
N VAL D 159 14.30 -23.62 -3.17
CA VAL D 159 13.66 -24.51 -4.12
C VAL D 159 14.41 -25.82 -4.23
N LEU D 160 15.74 -25.81 -4.08
CA LEU D 160 16.48 -27.06 -4.06
C LEU D 160 16.16 -27.86 -2.81
N ALA D 161 16.14 -27.19 -1.64
CA ALA D 161 15.65 -27.83 -0.42
C ALA D 161 14.32 -28.53 -0.64
N GLN D 162 13.44 -27.93 -1.44
CA GLN D 162 12.13 -28.54 -1.69
C GLN D 162 12.21 -29.78 -2.58
N LEU D 163 13.04 -29.75 -3.63
CA LEU D 163 13.13 -30.87 -4.56
C LEU D 163 14.22 -31.86 -4.18
N TRP D 164 14.93 -31.61 -3.08
CA TRP D 164 16.07 -32.43 -2.69
C TRP D 164 15.70 -33.91 -2.76
N PRO D 165 16.60 -34.78 -3.21
CA PRO D 165 16.26 -36.20 -3.22
C PRO D 165 16.59 -36.87 -1.90
N ASP D 166 15.76 -37.84 -1.56
CA ASP D 166 15.97 -38.70 -0.40
C ASP D 166 15.11 -39.92 -0.67
N HIS D 167 15.71 -41.12 -0.56
CA HIS D 167 14.99 -42.35 -0.91
C HIS D 167 14.49 -42.26 -2.35
N PRO D 174 10.90 -38.79 -10.68
CA PRO D 174 11.22 -37.68 -11.57
C PRO D 174 10.36 -36.46 -11.27
N ARG D 175 10.98 -35.45 -10.66
CA ARG D 175 10.30 -34.24 -10.25
C ARG D 175 10.73 -33.09 -11.16
N TYR D 176 10.04 -31.94 -11.04
CA TYR D 176 10.13 -30.85 -12.02
C TYR D 176 10.35 -29.49 -11.35
N LEU D 177 11.15 -28.66 -12.01
CA LEU D 177 11.55 -27.35 -11.52
C LEU D 177 11.19 -26.35 -12.61
N LEU D 178 10.30 -25.42 -12.29
CA LEU D 178 9.89 -24.36 -13.20
C LEU D 178 10.48 -23.03 -12.75
N LEU D 179 11.19 -22.37 -13.66
CA LEU D 179 11.75 -21.04 -13.39
C LEU D 179 10.87 -20.01 -14.06
N ASP D 180 10.25 -19.13 -13.28
CA ASP D 180 9.52 -18.00 -13.84
C ASP D 180 10.48 -16.82 -13.85
N GLU D 181 11.30 -16.76 -14.88
CA GLU D 181 12.24 -15.67 -15.10
C GLU D 181 13.11 -15.35 -13.88
N PRO D 182 13.95 -16.28 -13.45
CA PRO D 182 14.74 -16.03 -12.23
C PRO D 182 16.01 -15.28 -12.59
N THR D 183 16.40 -15.44 -13.86
CA THR D 183 17.57 -14.74 -14.37
C THR D 183 17.34 -13.24 -14.43
N ALA D 184 16.07 -12.83 -14.68
CA ALA D 184 15.58 -11.45 -14.57
C ALA D 184 16.69 -10.42 -14.54
N ALA D 185 16.96 -9.89 -13.35
CA ALA D 185 17.95 -8.85 -13.25
C ALA D 185 19.11 -9.25 -12.35
N LEU D 186 19.49 -10.53 -12.39
CA LEU D 186 20.81 -10.91 -11.91
C LEU D 186 21.85 -10.41 -12.90
N ASP D 187 23.06 -10.14 -12.39
CA ASP D 187 24.08 -9.67 -13.31
C ASP D 187 24.46 -10.76 -14.31
N LEU D 188 25.22 -10.33 -15.32
CA LEU D 188 25.60 -11.22 -16.41
C LEU D 188 26.22 -12.51 -15.87
N ALA D 189 27.20 -12.40 -14.98
CA ALA D 189 27.96 -13.58 -14.59
C ALA D 189 27.18 -14.48 -13.66
N HIS D 190 26.23 -13.95 -12.93
CA HIS D 190 25.42 -14.69 -11.98
C HIS D 190 24.22 -15.33 -12.66
N GLN D 191 23.66 -14.71 -13.69
CA GLN D 191 22.61 -15.40 -14.40
C GLN D 191 23.17 -16.57 -15.17
N HIS D 192 24.44 -16.50 -15.58
CA HIS D 192 25.08 -17.64 -16.23
C HIS D 192 25.34 -18.78 -15.24
N ARG D 193 25.91 -18.46 -14.08
CA ARG D 193 26.06 -19.44 -13.02
C ARG D 193 24.74 -20.12 -12.69
N LEU D 194 23.68 -19.34 -12.43
CA LEU D 194 22.41 -19.97 -12.06
C LEU D 194 21.94 -20.93 -13.15
N LEU D 195 22.00 -20.52 -14.41
CA LEU D 195 21.45 -21.41 -15.44
C LEU D 195 22.31 -22.67 -15.59
N ASP D 196 23.63 -22.50 -15.53
CA ASP D 196 24.53 -23.64 -15.53
C ASP D 196 24.20 -24.61 -14.40
N THR D 197 24.14 -24.10 -13.17
CA THR D 197 23.87 -24.93 -12.01
C THR D 197 22.50 -25.57 -12.04
N VAL D 198 21.54 -24.98 -12.75
CA VAL D 198 20.26 -25.65 -12.94
C VAL D 198 20.45 -26.93 -13.74
N ARG D 199 21.06 -26.82 -14.92
CA ARG D 199 21.36 -27.97 -15.77
C ARG D 199 22.12 -29.04 -14.99
N ALA D 200 23.20 -28.61 -14.32
CA ALA D 200 24.00 -29.53 -13.50
C ALA D 200 23.14 -30.32 -12.53
N VAL D 201 22.19 -29.65 -11.87
CA VAL D 201 21.25 -30.30 -10.95
C VAL D 201 20.17 -31.04 -11.73
N ALA D 202 19.64 -30.47 -12.81
CA ALA D 202 18.71 -31.20 -13.66
C ALA D 202 19.28 -32.57 -14.02
N ARG D 203 20.59 -32.61 -14.32
CA ARG D 203 21.19 -33.84 -14.82
C ARG D 203 21.37 -34.85 -13.70
N GLU D 204 21.95 -34.41 -12.57
CA GLU D 204 22.30 -35.30 -11.49
C GLU D 204 21.08 -35.93 -10.82
N TRP D 205 20.08 -35.11 -10.50
CA TRP D 205 18.85 -35.54 -9.86
C TRP D 205 17.78 -36.01 -10.83
N GLN D 206 18.05 -36.01 -12.14
CA GLN D 206 17.14 -36.50 -13.17
C GLN D 206 15.78 -35.81 -13.05
N LEU D 207 15.65 -34.64 -13.65
CA LEU D 207 14.71 -33.62 -13.21
C LEU D 207 14.38 -32.73 -14.39
N GLY D 208 13.11 -32.40 -14.56
CA GLY D 208 12.65 -31.72 -15.77
C GLY D 208 12.52 -30.25 -15.46
N VAL D 209 13.15 -29.42 -16.28
CA VAL D 209 13.30 -27.99 -16.03
C VAL D 209 12.69 -27.24 -17.18
N LEU D 210 11.74 -26.37 -16.88
CA LEU D 210 11.18 -25.41 -17.83
C LEU D 210 11.43 -24.02 -17.30
N ALA D 211 12.16 -23.20 -18.08
CA ALA D 211 12.56 -21.87 -17.64
C ALA D 211 12.24 -20.82 -18.70
N ILE D 212 11.54 -19.78 -18.28
CA ILE D 212 11.33 -18.59 -19.11
C ILE D 212 12.59 -17.75 -19.06
N VAL D 213 13.24 -17.57 -20.21
CA VAL D 213 14.48 -16.79 -20.33
C VAL D 213 14.22 -15.61 -21.26
N HIS D 214 14.74 -14.44 -20.88
CA HIS D 214 14.61 -13.22 -21.68
C HIS D 214 15.56 -13.22 -22.87
N ASP D 215 16.88 -13.39 -22.62
CA ASP D 215 17.96 -13.23 -23.60
C ASP D 215 18.10 -14.51 -24.38
N PRO D 216 17.68 -14.53 -25.66
CA PRO D 216 17.71 -15.80 -26.41
C PRO D 216 19.08 -16.44 -26.43
N ASN D 217 20.14 -15.64 -26.46
CA ASN D 217 21.47 -16.21 -26.37
C ASN D 217 21.72 -16.89 -25.03
N LEU D 218 21.07 -16.42 -23.95
CA LEU D 218 21.24 -17.06 -22.66
C LEU D 218 20.66 -18.47 -22.68
N ALA D 219 19.53 -18.66 -23.37
CA ALA D 219 18.93 -19.98 -23.49
C ALA D 219 19.70 -20.89 -24.43
N ALA D 220 20.20 -20.34 -25.55
CA ALA D 220 21.12 -21.06 -26.43
C ALA D 220 22.24 -21.74 -25.65
N ARG D 221 22.88 -20.97 -24.77
CA ARG D 221 24.07 -21.43 -24.07
C ARG D 221 23.76 -22.38 -22.92
N HIS D 222 22.52 -22.42 -22.41
CA HIS D 222 22.26 -23.28 -21.26
C HIS D 222 21.06 -24.23 -21.40
N ALA D 223 20.23 -24.12 -22.42
CA ALA D 223 19.13 -25.07 -22.58
C ALA D 223 19.57 -26.30 -23.35
N ASP D 224 18.76 -27.36 -23.24
CA ASP D 224 18.85 -28.51 -24.11
C ASP D 224 17.82 -28.48 -25.23
N ALA D 225 16.71 -27.80 -25.01
CA ALA D 225 15.66 -27.62 -26.00
C ALA D 225 15.12 -26.21 -25.86
N ILE D 226 14.76 -25.60 -26.98
CA ILE D 226 14.16 -24.26 -26.98
C ILE D 226 12.81 -24.33 -27.68
N ALA D 227 11.77 -23.91 -26.96
CA ALA D 227 10.42 -23.75 -27.49
C ALA D 227 10.12 -22.27 -27.64
N MET D 228 9.69 -21.85 -28.84
CA MET D 228 9.37 -20.46 -29.09
C MET D 228 7.86 -20.25 -29.13
N LEU D 229 7.38 -19.24 -28.39
CA LEU D 229 5.97 -18.90 -28.22
C LEU D 229 5.61 -17.65 -29.04
N ALA D 230 4.68 -17.80 -29.98
CA ALA D 230 4.25 -16.67 -30.81
C ALA D 230 2.74 -16.64 -30.81
N ASP D 231 2.18 -15.61 -30.16
CA ASP D 231 0.75 -15.36 -30.17
C ASP D 231 -0.03 -16.62 -29.76
N GLY D 232 0.19 -17.04 -28.52
CA GLY D 232 -0.57 -18.09 -27.88
C GLY D 232 -0.18 -19.51 -28.24
N THR D 233 0.64 -19.71 -29.27
CA THR D 233 0.97 -21.06 -29.66
C THR D 233 2.46 -21.22 -29.92
N ILE D 234 2.90 -22.47 -29.84
CA ILE D 234 4.29 -22.84 -30.06
C ILE D 234 4.59 -22.86 -31.55
N VAL D 235 5.77 -22.37 -31.92
CA VAL D 235 6.14 -22.22 -33.33
C VAL D 235 7.48 -22.88 -33.66
N ALA D 236 8.18 -23.45 -32.69
CA ALA D 236 9.45 -24.15 -32.88
C ALA D 236 9.81 -24.90 -31.61
N HIS D 237 10.62 -25.95 -31.76
CA HIS D 237 10.98 -26.83 -30.62
C HIS D 237 12.12 -27.73 -31.07
N GLY D 238 13.25 -27.65 -30.38
CA GLY D 238 14.37 -28.52 -30.63
C GLY D 238 15.62 -28.00 -29.97
N ALA D 239 16.76 -28.61 -30.34
CA ALA D 239 18.03 -28.13 -29.81
C ALA D 239 18.31 -26.72 -30.33
N PRO D 240 18.95 -25.88 -29.52
CA PRO D 240 19.34 -24.55 -29.99
C PRO D 240 19.82 -24.52 -31.44
N ARG D 241 20.74 -25.42 -31.82
CA ARG D 241 21.33 -25.41 -33.16
C ARG D 241 20.26 -25.40 -34.26
N ASP D 242 19.24 -26.22 -34.12
CA ASP D 242 18.24 -26.38 -35.17
C ASP D 242 17.16 -25.31 -35.13
N VAL D 243 16.99 -24.64 -34.00
CA VAL D 243 15.85 -23.76 -33.80
C VAL D 243 16.24 -22.30 -33.92
N MET D 244 17.46 -21.98 -33.47
CA MET D 244 17.99 -20.63 -33.49
C MET D 244 18.29 -20.13 -34.91
N THR D 245 17.25 -19.93 -35.71
CA THR D 245 17.36 -19.50 -37.10
C THR D 245 16.78 -18.11 -37.28
N PRO D 246 17.28 -17.34 -38.25
CA PRO D 246 16.75 -15.97 -38.44
C PRO D 246 15.24 -15.90 -38.63
N ALA D 247 14.66 -16.87 -39.35
CA ALA D 247 13.23 -16.85 -39.65
C ALA D 247 12.38 -17.27 -38.47
N HIS D 248 12.91 -18.13 -37.59
CA HIS D 248 12.24 -18.43 -36.32
C HIS D 248 12.26 -17.23 -35.38
N ILE D 249 13.43 -16.63 -35.18
CA ILE D 249 13.52 -15.38 -34.44
C ILE D 249 12.65 -14.30 -35.08
N ALA D 250 12.47 -14.35 -36.40
CA ALA D 250 11.58 -13.41 -37.03
C ALA D 250 10.13 -13.62 -36.59
N GLN D 251 9.62 -14.84 -36.77
CA GLN D 251 8.19 -15.04 -36.51
C GLN D 251 7.89 -15.21 -35.03
N CYS D 252 8.91 -15.27 -34.20
CA CYS D 252 8.72 -15.24 -32.76
C CYS D 252 8.79 -13.82 -32.23
N TYR D 253 9.83 -13.08 -32.59
CA TYR D 253 10.07 -11.75 -32.07
C TYR D 253 9.80 -10.62 -33.06
N GLY D 254 9.42 -10.91 -34.30
CA GLY D 254 9.29 -9.84 -35.29
C GLY D 254 10.57 -9.04 -35.42
N PHE D 255 11.70 -9.73 -35.42
CA PHE D 255 13.01 -9.13 -35.22
C PHE D 255 13.99 -9.80 -36.18
N ALA D 256 14.64 -9.00 -37.00
CA ALA D 256 15.48 -9.50 -38.09
C ALA D 256 16.90 -9.69 -37.58
N VAL D 257 17.34 -10.95 -37.45
CA VAL D 257 18.66 -11.23 -36.91
C VAL D 257 19.44 -12.12 -37.86
N LYS D 258 20.72 -12.28 -37.52
CA LYS D 258 21.61 -13.25 -38.15
C LYS D 258 22.37 -14.00 -37.06
N MET D 259 23.04 -15.08 -37.45
CA MET D 259 23.77 -15.90 -36.51
C MET D 259 25.24 -15.92 -36.87
N VAL D 260 26.09 -15.90 -35.84
CA VAL D 260 27.54 -15.86 -35.91
C VAL D 260 28.09 -17.02 -35.07
N GLU D 261 29.24 -17.56 -35.50
CA GLU D 261 29.78 -18.76 -34.86
C GLU D 261 30.69 -18.38 -33.68
N THR D 262 31.22 -19.38 -33.00
CA THR D 262 32.05 -19.15 -31.82
C THR D 262 33.13 -20.22 -31.70
N GLY D 263 32.87 -21.40 -32.28
CA GLY D 263 33.80 -22.52 -32.20
C GLY D 263 33.38 -23.56 -31.17
N PRO D 267 27.32 -23.32 -29.80
CA PRO D 267 26.75 -22.08 -29.28
C PRO D 267 26.91 -20.87 -30.22
N PRO D 268 26.15 -20.84 -31.33
CA PRO D 268 26.21 -19.67 -32.22
C PRO D 268 25.31 -18.55 -31.71
N VAL D 269 25.81 -17.30 -31.70
CA VAL D 269 25.13 -16.21 -31.01
C VAL D 269 24.34 -15.36 -31.99
N MET D 270 23.21 -14.85 -31.50
CA MET D 270 22.27 -14.07 -32.28
C MET D 270 22.67 -12.60 -32.26
N VAL D 271 22.52 -11.94 -33.41
CA VAL D 271 22.96 -10.55 -33.62
C VAL D 271 22.00 -9.94 -34.60
N PRO D 272 21.67 -8.66 -34.47
CA PRO D 272 20.77 -8.02 -35.45
C PRO D 272 21.43 -7.84 -36.81
N ALA D 273 20.94 -6.85 -37.59
CA ALA D 273 21.33 -6.63 -39.00
C ALA D 273 21.33 -7.93 -39.80
#